data_2DAL
#
_entry.id   2DAL
#
_entity_poly.entity_id   1
_entity_poly.type   'polypeptide(L)'
_entity_poly.pdbx_seq_one_letter_code
;GSSGSSGGSAASSALKGLIQQFTTITGASESVGKHMLEACNNNLEMAVTMFLDGGGSGPSSG
;
_entity_poly.pdbx_strand_id   A
#
# COMPACT_ATOMS: atom_id res chain seq x y z
N GLY A 1 -12.98 24.40 10.33
CA GLY A 1 -12.77 23.03 9.88
C GLY A 1 -11.81 22.98 8.69
N SER A 2 -11.54 21.76 8.23
CA SER A 2 -10.64 21.57 7.11
C SER A 2 -9.36 22.38 7.31
N SER A 3 -8.40 21.76 7.95
CA SER A 3 -7.12 22.41 8.21
C SER A 3 -6.04 21.36 8.49
N GLY A 4 -5.04 21.35 7.62
CA GLY A 4 -3.94 20.41 7.76
C GLY A 4 -3.12 20.71 9.01
N SER A 5 -2.42 19.68 9.49
CA SER A 5 -1.60 19.82 10.67
C SER A 5 -0.29 19.06 10.49
N SER A 6 -0.43 17.77 10.23
CA SER A 6 0.73 16.91 10.03
C SER A 6 1.59 16.89 11.30
N GLY A 7 1.95 15.67 11.69
CA GLY A 7 2.76 15.50 12.89
C GLY A 7 4.25 15.34 12.53
N GLY A 8 4.68 14.09 12.46
CA GLY A 8 6.05 13.79 12.12
C GLY A 8 6.30 13.94 10.62
N SER A 9 7.48 14.44 10.28
CA SER A 9 7.86 14.63 8.90
C SER A 9 9.03 13.72 8.53
N ALA A 10 8.70 12.52 8.09
CA ALA A 10 9.71 11.55 7.70
C ALA A 10 9.09 10.50 6.79
N ALA A 11 9.30 10.70 5.49
CA ALA A 11 8.76 9.78 4.50
C ALA A 11 7.24 9.77 4.59
N SER A 12 6.62 10.63 3.79
CA SER A 12 5.17 10.74 3.78
C SER A 12 4.67 10.83 2.33
N SER A 13 5.17 11.85 1.63
CA SER A 13 4.78 12.06 0.25
C SER A 13 4.96 10.77 -0.55
N ALA A 14 6.20 10.29 -0.56
CA ALA A 14 6.53 9.07 -1.28
C ALA A 14 5.56 7.96 -0.85
N LEU A 15 5.52 7.73 0.46
CA LEU A 15 4.64 6.70 1.01
C LEU A 15 3.28 6.80 0.34
N LYS A 16 2.69 7.99 0.43
CA LYS A 16 1.38 8.22 -0.16
C LYS A 16 1.34 7.63 -1.57
N GLY A 17 2.31 8.05 -2.39
CA GLY A 17 2.40 7.57 -3.75
C GLY A 17 2.03 6.09 -3.84
N LEU A 18 2.81 5.28 -3.14
CA LEU A 18 2.58 3.84 -3.14
C LEU A 18 1.17 3.56 -2.61
N ILE A 19 0.87 4.15 -1.46
CA ILE A 19 -0.43 3.96 -0.84
C ILE A 19 -1.51 4.13 -1.90
N GLN A 20 -1.39 5.19 -2.68
CA GLN A 20 -2.36 5.47 -3.73
C GLN A 20 -2.45 4.29 -4.69
N GLN A 21 -1.28 3.79 -5.08
CA GLN A 21 -1.22 2.66 -6.00
C GLN A 21 -1.91 1.44 -5.39
N PHE A 22 -1.77 1.31 -4.08
CA PHE A 22 -2.37 0.21 -3.36
C PHE A 22 -3.88 0.40 -3.21
N THR A 23 -4.25 1.56 -2.69
CA THR A 23 -5.65 1.89 -2.51
C THR A 23 -6.39 1.88 -3.84
N THR A 24 -5.62 1.98 -4.91
CA THR A 24 -6.18 1.98 -6.24
C THR A 24 -6.22 0.56 -6.82
N ILE A 25 -5.06 -0.08 -6.78
CA ILE A 25 -4.94 -1.44 -7.29
C ILE A 25 -5.88 -2.35 -6.50
N THR A 26 -5.59 -2.48 -5.21
CA THR A 26 -6.40 -3.32 -4.35
C THR A 26 -7.80 -2.72 -4.17
N GLY A 27 -7.82 -1.50 -3.65
CA GLY A 27 -9.08 -0.81 -3.42
C GLY A 27 -9.29 -0.52 -1.94
N ALA A 28 -8.23 -0.73 -1.17
CA ALA A 28 -8.30 -0.51 0.27
C ALA A 28 -8.09 0.98 0.55
N SER A 29 -8.21 1.34 1.82
CA SER A 29 -8.03 2.71 2.24
C SER A 29 -6.55 3.02 2.43
N GLU A 30 -6.26 4.30 2.58
CA GLU A 30 -4.88 4.73 2.76
C GLU A 30 -4.29 4.11 4.03
N SER A 31 -4.97 4.36 5.14
CA SER A 31 -4.53 3.83 6.42
C SER A 31 -4.10 2.37 6.26
N VAL A 32 -4.89 1.63 5.48
CA VAL A 32 -4.60 0.23 5.24
C VAL A 32 -3.32 0.12 4.41
N GLY A 33 -3.31 0.82 3.29
CA GLY A 33 -2.16 0.81 2.40
C GLY A 33 -0.88 1.24 3.15
N LYS A 34 -1.09 2.00 4.20
CA LYS A 34 0.02 2.48 5.01
C LYS A 34 0.52 1.35 5.92
N HIS A 35 -0.43 0.53 6.36
CA HIS A 35 -0.12 -0.58 7.23
C HIS A 35 0.49 -1.72 6.41
N MET A 36 -0.02 -1.87 5.20
CA MET A 36 0.46 -2.92 4.31
C MET A 36 1.85 -2.58 3.76
N LEU A 37 2.03 -1.31 3.43
CA LEU A 37 3.29 -0.85 2.90
C LEU A 37 4.30 -0.71 4.04
N GLU A 38 3.77 -0.62 5.25
CA GLU A 38 4.59 -0.48 6.43
C GLU A 38 5.24 -1.82 6.78
N ALA A 39 4.62 -2.89 6.30
CA ALA A 39 5.12 -4.23 6.56
C ALA A 39 5.80 -4.76 5.28
N CYS A 40 5.97 -3.87 4.32
CA CYS A 40 6.60 -4.23 3.07
C CYS A 40 7.70 -3.21 2.76
N ASN A 41 8.25 -2.66 3.82
CA ASN A 41 9.31 -1.66 3.67
C ASN A 41 8.91 -0.67 2.59
N ASN A 42 7.63 -0.35 2.56
CA ASN A 42 7.11 0.60 1.57
C ASN A 42 7.26 -0.01 0.17
N ASN A 43 6.73 -1.22 0.03
CA ASN A 43 6.80 -1.91 -1.25
C ASN A 43 5.40 -2.34 -1.67
N LEU A 44 4.84 -1.61 -2.63
CA LEU A 44 3.51 -1.90 -3.12
C LEU A 44 3.45 -3.36 -3.59
N GLU A 45 4.33 -3.67 -4.53
CA GLU A 45 4.38 -5.02 -5.08
C GLU A 45 4.20 -6.05 -3.97
N MET A 46 4.94 -5.86 -2.89
CA MET A 46 4.86 -6.76 -1.75
C MET A 46 3.53 -6.60 -1.01
N ALA A 47 3.24 -5.36 -0.66
CA ALA A 47 2.01 -5.06 0.04
C ALA A 47 0.83 -5.67 -0.70
N VAL A 48 0.80 -5.42 -2.01
CA VAL A 48 -0.26 -5.95 -2.85
C VAL A 48 -0.26 -7.48 -2.78
N THR A 49 0.88 -8.05 -3.13
CA THR A 49 1.03 -9.50 -3.11
C THR A 49 0.67 -10.05 -1.72
N MET A 50 0.97 -9.25 -0.71
CA MET A 50 0.70 -9.64 0.66
C MET A 50 -0.80 -9.55 0.97
N PHE A 51 -1.34 -8.35 0.74
CA PHE A 51 -2.75 -8.11 0.99
C PHE A 51 -3.62 -9.01 0.11
N LEU A 52 -3.23 -9.09 -1.15
CA LEU A 52 -3.97 -9.91 -2.10
C LEU A 52 -4.07 -11.35 -1.58
N ASP A 53 -2.92 -11.98 -1.45
CA ASP A 53 -2.86 -13.35 -0.96
C ASP A 53 -3.66 -13.44 0.34
N GLY A 54 -3.38 -12.51 1.25
CA GLY A 54 -4.06 -12.48 2.53
C GLY A 54 -5.40 -11.76 2.42
N GLY A 55 -6.36 -12.42 1.77
CA GLY A 55 -7.68 -11.85 1.59
C GLY A 55 -7.94 -11.54 0.12
N GLY A 56 -8.43 -12.55 -0.58
CA GLY A 56 -8.73 -12.40 -2.00
C GLY A 56 -10.22 -12.61 -2.27
N SER A 57 -10.97 -11.53 -2.16
CA SER A 57 -12.41 -11.57 -2.38
C SER A 57 -12.96 -10.16 -2.55
N GLY A 58 -13.35 -9.85 -3.78
CA GLY A 58 -13.89 -8.54 -4.10
C GLY A 58 -15.37 -8.44 -3.69
N PRO A 59 -16.05 -7.39 -4.21
CA PRO A 59 -17.45 -7.18 -3.91
C PRO A 59 -18.33 -8.17 -4.68
N SER A 60 -17.96 -8.37 -5.94
CA SER A 60 -18.71 -9.28 -6.79
C SER A 60 -17.88 -9.62 -8.03
N SER A 61 -17.15 -10.72 -7.94
CA SER A 61 -16.31 -11.17 -9.04
C SER A 61 -16.20 -12.69 -9.03
N GLY A 62 -16.12 -13.25 -10.23
CA GLY A 62 -16.01 -14.69 -10.37
C GLY A 62 -16.65 -15.17 -11.67
N GLY A 1 16.45 3.81 -25.53
CA GLY A 1 15.14 4.37 -25.22
C GLY A 1 15.16 5.13 -23.90
N SER A 2 14.49 6.26 -23.89
CA SER A 2 14.43 7.09 -22.69
C SER A 2 13.24 6.66 -21.82
N SER A 3 13.30 7.06 -20.55
CA SER A 3 12.24 6.72 -19.63
C SER A 3 12.34 7.62 -18.39
N GLY A 4 13.49 7.54 -17.72
CA GLY A 4 13.73 8.33 -16.53
C GLY A 4 14.06 7.44 -15.33
N SER A 5 14.05 8.05 -14.15
CA SER A 5 14.35 7.32 -12.94
C SER A 5 13.31 7.63 -11.87
N SER A 6 13.17 6.71 -10.93
CA SER A 6 12.21 6.87 -9.86
C SER A 6 12.86 7.61 -8.69
N GLY A 7 12.01 8.10 -7.80
CA GLY A 7 12.48 8.83 -6.63
C GLY A 7 12.54 7.92 -5.40
N GLY A 8 12.10 8.46 -4.28
CA GLY A 8 12.09 7.71 -3.04
C GLY A 8 12.84 8.46 -1.94
N SER A 9 12.17 9.45 -1.38
CA SER A 9 12.75 10.26 -0.32
C SER A 9 11.69 10.62 0.72
N ALA A 10 12.13 10.71 1.96
CA ALA A 10 11.23 11.04 3.05
C ALA A 10 10.15 9.96 3.16
N ALA A 11 9.41 10.02 4.27
CA ALA A 11 8.35 9.06 4.50
C ALA A 11 7.03 9.81 4.73
N SER A 12 6.54 10.43 3.66
CA SER A 12 5.31 11.18 3.73
C SER A 12 4.68 11.29 2.34
N SER A 13 5.46 11.86 1.42
CA SER A 13 4.99 12.03 0.05
C SER A 13 5.11 10.72 -0.71
N ALA A 14 6.33 10.20 -0.74
CA ALA A 14 6.60 8.95 -1.43
C ALA A 14 5.64 7.88 -0.93
N LEU A 15 5.72 7.62 0.37
CA LEU A 15 4.87 6.62 0.99
C LEU A 15 3.43 6.78 0.46
N LYS A 16 2.89 7.97 0.67
CA LYS A 16 1.54 8.27 0.22
C LYS A 16 1.39 7.83 -1.24
N GLY A 17 2.25 8.38 -2.08
CA GLY A 17 2.22 8.06 -3.50
C GLY A 17 1.96 6.57 -3.72
N LEU A 18 2.76 5.76 -3.05
CA LEU A 18 2.63 4.32 -3.15
C LEU A 18 1.25 3.89 -2.64
N ILE A 19 0.95 4.31 -1.43
CA ILE A 19 -0.33 3.99 -0.82
C ILE A 19 -1.44 4.09 -1.88
N GLN A 20 -1.52 5.26 -2.49
CA GLN A 20 -2.53 5.49 -3.52
C GLN A 20 -2.56 4.32 -4.50
N GLN A 21 -1.38 3.93 -4.96
CA GLN A 21 -1.26 2.83 -5.89
C GLN A 21 -1.92 1.58 -5.33
N PHE A 22 -1.68 1.35 -4.04
CA PHE A 22 -2.25 0.19 -3.38
C PHE A 22 -3.76 0.32 -3.23
N THR A 23 -4.17 1.43 -2.63
CA THR A 23 -5.59 1.69 -2.42
C THR A 23 -6.35 1.57 -3.74
N THR A 24 -5.61 1.74 -4.83
CA THR A 24 -6.19 1.66 -6.15
C THR A 24 -6.10 0.23 -6.70
N ILE A 25 -4.87 -0.30 -6.66
CA ILE A 25 -4.63 -1.64 -7.14
C ILE A 25 -5.49 -2.63 -6.36
N THR A 26 -5.26 -2.66 -5.05
CA THR A 26 -6.00 -3.55 -4.18
C THR A 26 -7.44 -3.07 -4.03
N GLY A 27 -7.58 -1.83 -3.58
CA GLY A 27 -8.90 -1.24 -3.40
C GLY A 27 -9.17 -0.96 -1.91
N ALA A 28 -8.10 -0.94 -1.14
CA ALA A 28 -8.20 -0.69 0.28
C ALA A 28 -8.09 0.81 0.54
N SER A 29 -8.10 1.17 1.82
CA SER A 29 -8.00 2.56 2.21
C SER A 29 -6.53 2.95 2.41
N GLU A 30 -6.30 4.24 2.55
CA GLU A 30 -4.95 4.76 2.74
C GLU A 30 -4.32 4.09 3.97
N SER A 31 -4.88 4.40 5.12
CA SER A 31 -4.37 3.85 6.37
C SER A 31 -3.98 2.38 6.16
N VAL A 32 -4.79 1.69 5.38
CA VAL A 32 -4.54 0.29 5.10
C VAL A 32 -3.32 0.17 4.18
N GLY A 33 -3.39 0.86 3.05
CA GLY A 33 -2.30 0.84 2.09
C GLY A 33 -0.98 1.22 2.75
N LYS A 34 -1.09 1.89 3.89
CA LYS A 34 0.09 2.32 4.62
C LYS A 34 0.56 1.17 5.53
N HIS A 35 -0.39 0.59 6.24
CA HIS A 35 -0.09 -0.50 7.14
C HIS A 35 0.48 -1.68 6.35
N MET A 36 -0.03 -1.85 5.15
CA MET A 36 0.42 -2.93 4.29
C MET A 36 1.81 -2.63 3.73
N LEU A 37 2.02 -1.37 3.39
CA LEU A 37 3.29 -0.95 2.85
C LEU A 37 4.34 -0.95 3.96
N GLU A 38 3.89 -0.55 5.15
CA GLU A 38 4.78 -0.50 6.30
C GLU A 38 5.16 -1.92 6.74
N ALA A 39 4.43 -2.89 6.22
CA ALA A 39 4.68 -4.28 6.55
C ALA A 39 5.39 -4.96 5.37
N CYS A 40 5.80 -4.14 4.42
CA CYS A 40 6.48 -4.64 3.24
C CYS A 40 7.64 -3.69 2.92
N ASN A 41 8.03 -2.92 3.92
CA ASN A 41 9.11 -1.97 3.76
C ASN A 41 8.78 -1.01 2.61
N ASN A 42 7.60 -0.42 2.71
CA ASN A 42 7.15 0.52 1.69
C ASN A 42 7.29 -0.13 0.31
N ASN A 43 6.76 -1.34 0.20
CA ASN A 43 6.82 -2.06 -1.06
C ASN A 43 5.40 -2.41 -1.52
N LEU A 44 4.94 -1.66 -2.51
CA LEU A 44 3.60 -1.87 -3.05
C LEU A 44 3.49 -3.32 -3.54
N GLU A 45 4.37 -3.66 -4.48
CA GLU A 45 4.37 -4.99 -5.05
C GLU A 45 4.12 -6.04 -3.95
N MET A 46 4.95 -5.98 -2.93
CA MET A 46 4.84 -6.91 -1.82
C MET A 46 3.50 -6.73 -1.09
N ALA A 47 3.27 -5.51 -0.63
CA ALA A 47 2.05 -5.20 0.09
C ALA A 47 0.86 -5.78 -0.67
N VAL A 48 0.80 -5.45 -1.95
CA VAL A 48 -0.28 -5.93 -2.81
C VAL A 48 -0.33 -7.46 -2.72
N THR A 49 0.79 -8.08 -3.03
CA THR A 49 0.89 -9.53 -3.00
C THR A 49 0.50 -10.06 -1.63
N MET A 50 0.87 -9.30 -0.60
CA MET A 50 0.56 -9.68 0.76
C MET A 50 -0.93 -9.54 1.05
N PHE A 51 -1.44 -8.36 0.79
CA PHE A 51 -2.85 -8.08 1.02
C PHE A 51 -3.74 -8.96 0.12
N LEU A 52 -3.36 -9.00 -1.15
CA LEU A 52 -4.10 -9.79 -2.12
C LEU A 52 -4.21 -11.23 -1.61
N ASP A 53 -3.06 -11.88 -1.54
CA ASP A 53 -3.00 -13.26 -1.08
C ASP A 53 -3.93 -13.42 0.12
N GLY A 54 -3.80 -12.51 1.07
CA GLY A 54 -4.61 -12.55 2.27
C GLY A 54 -6.10 -12.61 1.92
N GLY A 55 -6.54 -11.60 1.18
CA GLY A 55 -7.94 -11.53 0.78
C GLY A 55 -8.27 -10.16 0.19
N GLY A 56 -9.15 -10.17 -0.81
CA GLY A 56 -9.54 -8.94 -1.47
C GLY A 56 -9.34 -9.03 -2.97
N SER A 57 -10.03 -9.99 -3.58
CA SER A 57 -9.92 -10.19 -5.01
C SER A 57 -11.32 -10.33 -5.62
N GLY A 58 -11.96 -9.20 -5.84
CA GLY A 58 -13.29 -9.18 -6.41
C GLY A 58 -14.35 -8.90 -5.33
N PRO A 59 -15.55 -9.52 -5.54
CA PRO A 59 -16.64 -9.34 -4.60
C PRO A 59 -16.41 -10.15 -3.33
N SER A 60 -16.60 -9.49 -2.19
CA SER A 60 -16.42 -10.14 -0.91
C SER A 60 -17.69 -10.03 -0.07
N SER A 61 -17.80 -10.90 0.92
CA SER A 61 -18.95 -10.91 1.80
C SER A 61 -18.90 -9.70 2.73
N GLY A 62 -17.81 -9.62 3.48
CA GLY A 62 -17.63 -8.53 4.43
C GLY A 62 -17.54 -9.04 5.86
N GLY A 1 2.73 -0.58 -17.31
CA GLY A 1 2.13 -1.53 -16.40
C GLY A 1 2.25 -1.05 -14.94
N SER A 2 2.83 -1.90 -14.12
CA SER A 2 3.01 -1.57 -12.71
C SER A 2 4.49 -1.30 -12.42
N SER A 3 4.89 -0.06 -12.69
CA SER A 3 6.27 0.34 -12.47
C SER A 3 6.42 1.85 -12.69
N GLY A 4 7.13 2.47 -11.78
CA GLY A 4 7.36 3.91 -11.86
C GLY A 4 8.19 4.40 -10.67
N SER A 5 8.96 5.45 -10.91
CA SER A 5 9.81 6.03 -9.89
C SER A 5 10.58 4.92 -9.17
N SER A 6 11.79 4.68 -9.65
CA SER A 6 12.63 3.66 -9.06
C SER A 6 13.46 4.24 -7.92
N GLY A 7 13.01 3.96 -6.70
CA GLY A 7 13.70 4.46 -5.52
C GLY A 7 12.70 4.88 -4.45
N GLY A 8 13.23 5.39 -3.35
CA GLY A 8 12.40 5.84 -2.25
C GLY A 8 13.11 6.90 -1.42
N SER A 9 12.37 7.95 -1.09
CA SER A 9 12.92 9.04 -0.30
C SER A 9 11.82 9.69 0.53
N ALA A 10 12.17 10.06 1.75
CA ALA A 10 11.23 10.70 2.65
C ALA A 10 10.09 9.72 2.96
N ALA A 11 9.55 9.85 4.17
CA ALA A 11 8.47 8.99 4.60
C ALA A 11 7.23 9.84 4.87
N SER A 12 6.70 10.44 3.81
CA SER A 12 5.52 11.27 3.92
C SER A 12 4.82 11.37 2.57
N SER A 13 5.55 11.90 1.60
CA SER A 13 5.00 12.06 0.25
C SER A 13 5.15 10.75 -0.52
N ALA A 14 6.37 10.26 -0.58
CA ALA A 14 6.66 9.03 -1.28
C ALA A 14 5.68 7.94 -0.82
N LEU A 15 5.68 7.70 0.48
CA LEU A 15 4.81 6.70 1.07
C LEU A 15 3.41 6.85 0.47
N LYS A 16 2.81 8.01 0.73
CA LYS A 16 1.48 8.29 0.23
C LYS A 16 1.39 7.87 -1.24
N GLY A 17 2.22 8.50 -2.06
CA GLY A 17 2.24 8.20 -3.47
C GLY A 17 2.04 6.70 -3.73
N LEU A 18 2.73 5.91 -2.92
CA LEU A 18 2.65 4.46 -3.05
C LEU A 18 1.26 4.00 -2.60
N ILE A 19 0.89 4.38 -1.39
CA ILE A 19 -0.41 4.03 -0.85
C ILE A 19 -1.47 4.13 -1.95
N GLN A 20 -1.55 5.32 -2.52
CA GLN A 20 -2.52 5.57 -3.58
C GLN A 20 -2.55 4.39 -4.56
N GLN A 21 -1.35 3.95 -4.93
CA GLN A 21 -1.22 2.84 -5.86
C GLN A 21 -1.91 1.59 -5.29
N PHE A 22 -1.68 1.36 -4.01
CA PHE A 22 -2.26 0.22 -3.34
C PHE A 22 -3.77 0.37 -3.18
N THR A 23 -4.16 1.52 -2.64
CA THR A 23 -5.57 1.81 -2.44
C THR A 23 -6.33 1.69 -3.76
N THR A 24 -5.60 1.85 -4.85
CA THR A 24 -6.19 1.76 -6.17
C THR A 24 -6.09 0.32 -6.71
N ILE A 25 -4.88 -0.21 -6.62
CA ILE A 25 -4.64 -1.57 -7.10
C ILE A 25 -5.52 -2.54 -6.31
N THR A 26 -5.34 -2.55 -5.01
CA THR A 26 -6.09 -3.42 -4.14
C THR A 26 -7.53 -2.92 -4.02
N GLY A 27 -7.66 -1.69 -3.54
CA GLY A 27 -8.97 -1.08 -3.37
C GLY A 27 -9.24 -0.78 -1.91
N ALA A 28 -8.19 -0.88 -1.10
CA ALA A 28 -8.31 -0.62 0.32
C ALA A 28 -8.14 0.87 0.59
N SER A 29 -8.23 1.24 1.85
CA SER A 29 -8.09 2.63 2.25
C SER A 29 -6.61 2.98 2.41
N GLU A 30 -6.35 4.27 2.56
CA GLU A 30 -4.98 4.75 2.72
C GLU A 30 -4.32 4.07 3.93
N SER A 31 -4.86 4.36 5.10
CA SER A 31 -4.33 3.80 6.33
C SER A 31 -3.95 2.34 6.11
N VAL A 32 -4.82 1.64 5.39
CA VAL A 32 -4.57 0.23 5.10
C VAL A 32 -3.35 0.10 4.19
N GLY A 33 -3.42 0.78 3.06
CA GLY A 33 -2.33 0.74 2.11
C GLY A 33 -1.01 1.16 2.76
N LYS A 34 -1.14 1.87 3.88
CA LYS A 34 0.03 2.34 4.61
C LYS A 34 0.52 1.22 5.53
N HIS A 35 -0.42 0.56 6.17
CA HIS A 35 -0.10 -0.52 7.08
C HIS A 35 0.49 -1.69 6.30
N MET A 36 -0.04 -1.87 5.10
CA MET A 36 0.44 -2.95 4.23
C MET A 36 1.82 -2.64 3.66
N LEU A 37 2.03 -1.36 3.37
CA LEU A 37 3.30 -0.91 2.81
C LEU A 37 4.36 -0.93 3.91
N GLU A 38 3.97 -0.41 5.08
CA GLU A 38 4.87 -0.36 6.21
C GLU A 38 5.19 -1.76 6.70
N ALA A 39 4.35 -2.71 6.29
CA ALA A 39 4.54 -4.10 6.69
C ALA A 39 5.40 -4.81 5.65
N CYS A 40 5.63 -4.11 4.54
CA CYS A 40 6.45 -4.65 3.47
C CYS A 40 7.69 -3.78 3.33
N ASN A 41 7.70 -2.69 4.07
CA ASN A 41 8.82 -1.76 4.03
C ASN A 41 8.67 -0.83 2.82
N ASN A 42 7.45 -0.32 2.66
CA ASN A 42 7.16 0.58 1.56
C ASN A 42 7.31 -0.18 0.24
N ASN A 43 6.73 -1.37 0.21
CA ASN A 43 6.79 -2.19 -0.98
C ASN A 43 5.38 -2.50 -1.46
N LEU A 44 4.94 -1.72 -2.44
CA LEU A 44 3.60 -1.89 -3.00
C LEU A 44 3.49 -3.29 -3.61
N GLU A 45 4.50 -3.65 -4.39
CA GLU A 45 4.52 -4.95 -5.04
C GLU A 45 4.22 -6.05 -4.02
N MET A 46 4.97 -6.02 -2.93
CA MET A 46 4.79 -7.01 -1.87
C MET A 46 3.46 -6.81 -1.15
N ALA A 47 3.25 -5.57 -0.71
CA ALA A 47 2.03 -5.23 -0.01
C ALA A 47 0.83 -5.85 -0.73
N VAL A 48 0.80 -5.63 -2.04
CA VAL A 48 -0.28 -6.15 -2.86
C VAL A 48 -0.32 -7.68 -2.73
N THR A 49 0.82 -8.30 -3.02
CA THR A 49 0.92 -9.74 -2.94
C THR A 49 0.56 -10.23 -1.54
N MET A 50 0.86 -9.39 -0.56
CA MET A 50 0.58 -9.72 0.83
C MET A 50 -0.92 -9.58 1.12
N PHE A 51 -1.44 -8.40 0.83
CA PHE A 51 -2.84 -8.12 1.05
C PHE A 51 -3.73 -9.03 0.20
N LEU A 52 -3.42 -9.06 -1.09
CA LEU A 52 -4.18 -9.88 -2.02
C LEU A 52 -4.32 -11.29 -1.45
N ASP A 53 -3.19 -11.97 -1.37
CA ASP A 53 -3.17 -13.32 -0.85
C ASP A 53 -4.06 -13.40 0.40
N GLY A 54 -3.83 -12.47 1.30
CA GLY A 54 -4.59 -12.42 2.54
C GLY A 54 -6.09 -12.48 2.26
N GLY A 55 -6.58 -11.46 1.57
CA GLY A 55 -7.98 -11.39 1.22
C GLY A 55 -8.26 -12.05 -0.13
N GLY A 56 -8.14 -13.37 -0.13
CA GLY A 56 -8.38 -14.13 -1.35
C GLY A 56 -7.17 -15.01 -1.68
N SER A 57 -7.02 -16.07 -0.90
CA SER A 57 -5.91 -17.00 -1.10
C SER A 57 -6.31 -18.09 -2.08
N GLY A 58 -5.94 -17.90 -3.33
CA GLY A 58 -6.26 -18.87 -4.36
C GLY A 58 -5.10 -19.83 -4.59
N PRO A 59 -5.45 -21.03 -5.14
CA PRO A 59 -4.44 -22.04 -5.41
C PRO A 59 -3.61 -21.68 -6.64
N SER A 60 -2.80 -20.65 -6.48
CA SER A 60 -1.94 -20.19 -7.57
C SER A 60 -0.67 -21.04 -7.63
N SER A 61 -0.48 -21.68 -8.78
CA SER A 61 0.68 -22.52 -8.98
C SER A 61 0.64 -23.71 -8.01
N GLY A 62 0.50 -24.89 -8.57
CA GLY A 62 0.45 -26.10 -7.76
C GLY A 62 0.13 -27.32 -8.63
N GLY A 1 30.28 -10.81 6.35
CA GLY A 1 29.35 -9.92 5.68
C GLY A 1 27.90 -10.32 5.94
N SER A 2 27.35 -9.76 7.02
CA SER A 2 25.98 -10.06 7.40
C SER A 2 25.19 -8.76 7.56
N SER A 3 24.57 -8.34 6.46
CA SER A 3 23.78 -7.12 6.47
C SER A 3 22.39 -7.40 7.03
N GLY A 4 21.69 -6.32 7.34
CA GLY A 4 20.35 -6.43 7.87
C GLY A 4 19.43 -5.35 7.30
N SER A 5 18.85 -5.68 6.15
CA SER A 5 17.94 -4.75 5.48
C SER A 5 16.68 -4.56 6.32
N SER A 6 16.50 -3.35 6.81
CA SER A 6 15.33 -3.02 7.62
C SER A 6 15.37 -1.56 8.03
N GLY A 7 14.19 -1.00 8.24
CA GLY A 7 14.07 0.39 8.64
C GLY A 7 12.60 0.79 8.84
N GLY A 8 12.41 2.06 9.12
CA GLY A 8 11.07 2.58 9.33
C GLY A 8 10.63 3.46 8.16
N SER A 9 9.65 4.31 8.43
CA SER A 9 9.13 5.21 7.40
C SER A 9 10.28 5.93 6.71
N ALA A 10 9.98 6.48 5.54
CA ALA A 10 10.98 7.19 4.77
C ALA A 10 10.52 8.64 4.59
N ALA A 11 9.38 8.79 3.93
CA ALA A 11 8.83 10.11 3.68
C ALA A 11 7.30 10.04 3.73
N SER A 12 6.68 11.20 3.60
CA SER A 12 5.23 11.29 3.63
C SER A 12 4.67 11.12 2.20
N SER A 13 5.16 11.97 1.31
CA SER A 13 4.72 11.92 -0.07
C SER A 13 4.98 10.54 -0.66
N ALA A 14 6.24 10.14 -0.63
CA ALA A 14 6.63 8.85 -1.16
C ALA A 14 5.61 7.79 -0.72
N LEU A 15 5.54 7.58 0.58
CA LEU A 15 4.61 6.62 1.14
C LEU A 15 3.24 6.80 0.49
N LYS A 16 2.69 7.98 0.68
CA LYS A 16 1.38 8.30 0.12
C LYS A 16 1.33 7.85 -1.34
N GLY A 17 2.22 8.44 -2.13
CA GLY A 17 2.28 8.11 -3.55
C GLY A 17 2.06 6.61 -3.77
N LEU A 18 2.77 5.82 -2.98
CA LEU A 18 2.66 4.38 -3.08
C LEU A 18 1.29 3.93 -2.58
N ILE A 19 0.95 4.39 -1.38
CA ILE A 19 -0.32 4.06 -0.78
C ILE A 19 -1.42 4.13 -1.83
N GLN A 20 -1.46 5.28 -2.51
CA GLN A 20 -2.46 5.49 -3.54
C GLN A 20 -2.49 4.31 -4.51
N GLN A 21 -1.30 3.90 -4.94
CA GLN A 21 -1.17 2.78 -5.85
C GLN A 21 -1.88 1.55 -5.29
N PHE A 22 -1.65 1.31 -4.00
CA PHE A 22 -2.25 0.17 -3.33
C PHE A 22 -3.77 0.34 -3.22
N THR A 23 -4.16 1.47 -2.64
CA THR A 23 -5.57 1.77 -2.46
C THR A 23 -6.30 1.71 -3.81
N THR A 24 -5.53 1.85 -4.87
CA THR A 24 -6.08 1.81 -6.21
C THR A 24 -6.05 0.38 -6.76
N ILE A 25 -4.88 -0.24 -6.65
CA ILE A 25 -4.70 -1.59 -7.13
C ILE A 25 -5.60 -2.53 -6.34
N THR A 26 -5.32 -2.63 -5.05
CA THR A 26 -6.10 -3.48 -4.17
C THR A 26 -7.52 -2.94 -4.02
N GLY A 27 -7.61 -1.71 -3.53
CA GLY A 27 -8.89 -1.06 -3.32
C GLY A 27 -9.13 -0.79 -1.84
N ALA A 28 -8.06 -0.88 -1.07
CA ALA A 28 -8.14 -0.63 0.36
C ALA A 28 -8.02 0.87 0.62
N SER A 29 -8.14 1.23 1.90
CA SER A 29 -8.05 2.62 2.30
C SER A 29 -6.58 3.01 2.47
N GLU A 30 -6.36 4.31 2.63
CA GLU A 30 -5.01 4.83 2.80
C GLU A 30 -4.33 4.12 3.97
N SER A 31 -4.86 4.35 5.16
CA SER A 31 -4.31 3.74 6.36
C SER A 31 -3.89 2.30 6.07
N VAL A 32 -4.83 1.54 5.51
CA VAL A 32 -4.58 0.16 5.18
C VAL A 32 -3.35 0.07 4.27
N GLY A 33 -3.46 0.71 3.12
CA GLY A 33 -2.37 0.72 2.17
C GLY A 33 -1.05 1.15 2.82
N LYS A 34 -1.20 1.90 3.91
CA LYS A 34 -0.03 2.39 4.64
C LYS A 34 0.48 1.28 5.55
N HIS A 35 -0.45 0.57 6.17
CA HIS A 35 -0.10 -0.51 7.07
C HIS A 35 0.48 -1.68 6.27
N MET A 36 -0.06 -1.86 5.08
CA MET A 36 0.39 -2.93 4.22
C MET A 36 1.77 -2.61 3.62
N LEU A 37 1.96 -1.34 3.31
CA LEU A 37 3.23 -0.90 2.74
C LEU A 37 4.30 -0.93 3.83
N GLU A 38 4.00 -0.29 4.94
CA GLU A 38 4.94 -0.24 6.05
C GLU A 38 5.23 -1.66 6.56
N ALA A 39 4.34 -2.58 6.22
CA ALA A 39 4.49 -3.96 6.62
C ALA A 39 5.24 -4.73 5.54
N CYS A 40 5.73 -3.98 4.55
CA CYS A 40 6.47 -4.58 3.46
C CYS A 40 7.63 -3.65 3.10
N ASN A 41 8.07 -2.90 4.10
CA ASN A 41 9.17 -1.97 3.91
C ASN A 41 8.79 -0.96 2.83
N ASN A 42 7.52 -0.57 2.84
CA ASN A 42 7.02 0.40 1.88
C ASN A 42 7.16 -0.19 0.47
N ASN A 43 6.69 -1.41 0.32
CA ASN A 43 6.75 -2.09 -0.97
C ASN A 43 5.34 -2.41 -1.45
N LEU A 44 4.90 -1.66 -2.44
CA LEU A 44 3.57 -1.86 -2.99
C LEU A 44 3.44 -3.29 -3.51
N GLU A 45 4.36 -3.64 -4.40
CA GLU A 45 4.36 -4.98 -4.98
C GLU A 45 4.10 -6.03 -3.89
N MET A 46 4.95 -6.01 -2.88
CA MET A 46 4.83 -6.95 -1.78
C MET A 46 3.50 -6.78 -1.07
N ALA A 47 3.24 -5.55 -0.65
CA ALA A 47 2.00 -5.24 0.06
C ALA A 47 0.83 -5.87 -0.70
N VAL A 48 0.74 -5.53 -1.98
CA VAL A 48 -0.33 -6.06 -2.82
C VAL A 48 -0.35 -7.59 -2.71
N THR A 49 0.78 -8.18 -3.03
CA THR A 49 0.90 -9.63 -2.98
C THR A 49 0.52 -10.15 -1.60
N MET A 50 0.89 -9.38 -0.58
CA MET A 50 0.58 -9.74 0.79
C MET A 50 -0.90 -9.61 1.08
N PHE A 51 -1.42 -8.42 0.81
CA PHE A 51 -2.84 -8.15 1.04
C PHE A 51 -3.71 -9.05 0.16
N LEU A 52 -3.37 -9.08 -1.13
CA LEU A 52 -4.11 -9.88 -2.08
C LEU A 52 -4.13 -11.34 -1.62
N ASP A 53 -2.97 -11.81 -1.21
CA ASP A 53 -2.83 -13.18 -0.74
C ASP A 53 -2.99 -13.21 0.79
N GLY A 54 -4.12 -12.69 1.23
CA GLY A 54 -4.40 -12.65 2.66
C GLY A 54 -5.65 -11.82 2.95
N GLY A 55 -6.69 -12.07 2.17
CA GLY A 55 -7.94 -11.35 2.33
C GLY A 55 -8.77 -11.40 1.04
N GLY A 56 -9.17 -12.62 0.68
CA GLY A 56 -9.96 -12.81 -0.52
C GLY A 56 -9.88 -14.26 -1.01
N SER A 57 -8.79 -14.55 -1.72
CA SER A 57 -8.58 -15.89 -2.24
C SER A 57 -9.64 -16.21 -3.29
N GLY A 58 -9.23 -16.14 -4.54
CA GLY A 58 -10.13 -16.42 -5.64
C GLY A 58 -9.44 -17.28 -6.71
N PRO A 59 -10.26 -17.75 -7.69
CA PRO A 59 -9.74 -18.57 -8.77
C PRO A 59 -8.96 -17.72 -9.78
N SER A 60 -9.61 -16.68 -10.26
CA SER A 60 -8.99 -15.78 -11.23
C SER A 60 -7.55 -15.48 -10.81
N SER A 61 -6.63 -15.76 -11.72
CA SER A 61 -5.22 -15.51 -11.45
C SER A 61 -4.75 -14.28 -12.23
N GLY A 62 -4.98 -13.13 -11.63
CA GLY A 62 -4.58 -11.87 -12.24
C GLY A 62 -5.17 -10.68 -11.49
N GLY A 1 -7.34 14.84 -5.73
CA GLY A 1 -7.43 16.25 -6.04
C GLY A 1 -7.98 17.04 -4.85
N SER A 2 -8.98 17.86 -5.13
CA SER A 2 -9.61 18.67 -4.10
C SER A 2 -8.59 19.65 -3.52
N SER A 3 -8.58 20.85 -4.07
CA SER A 3 -7.66 21.88 -3.61
C SER A 3 -6.22 21.45 -3.89
N GLY A 4 -5.66 22.04 -4.94
CA GLY A 4 -4.29 21.73 -5.31
C GLY A 4 -3.34 21.87 -4.12
N SER A 5 -2.95 23.11 -3.85
CA SER A 5 -2.06 23.39 -2.74
C SER A 5 -0.78 22.56 -2.88
N SER A 6 0.26 23.21 -3.37
CA SER A 6 1.54 22.55 -3.57
C SER A 6 1.97 21.87 -2.27
N GLY A 7 2.34 20.60 -2.40
CA GLY A 7 2.77 19.82 -1.25
C GLY A 7 3.76 18.72 -1.67
N GLY A 8 4.98 18.85 -1.18
CA GLY A 8 6.02 17.89 -1.49
C GLY A 8 6.35 17.03 -0.27
N SER A 9 7.33 17.49 0.50
CA SER A 9 7.75 16.77 1.68
C SER A 9 6.95 17.25 2.89
N ALA A 10 5.75 16.71 3.02
CA ALA A 10 4.88 17.08 4.12
C ALA A 10 4.94 16.00 5.20
N ALA A 11 4.56 14.79 4.80
CA ALA A 11 4.56 13.65 5.72
C ALA A 11 4.38 12.37 4.92
N SER A 12 5.47 11.63 4.79
CA SER A 12 5.45 10.37 4.07
C SER A 12 5.01 10.61 2.62
N SER A 13 6.00 10.83 1.77
CA SER A 13 5.73 11.08 0.37
C SER A 13 5.68 9.75 -0.40
N ALA A 14 6.81 9.08 -0.44
CA ALA A 14 6.90 7.81 -1.13
C ALA A 14 5.78 6.90 -0.65
N LEU A 15 5.77 6.65 0.64
CA LEU A 15 4.75 5.80 1.23
C LEU A 15 3.39 6.13 0.61
N LYS A 16 3.05 7.40 0.65
CA LYS A 16 1.78 7.85 0.09
C LYS A 16 1.72 7.46 -1.38
N GLY A 17 2.63 8.04 -2.15
CA GLY A 17 2.69 7.77 -3.58
C GLY A 17 2.41 6.29 -3.87
N LEU A 18 2.79 5.44 -2.93
CA LEU A 18 2.58 4.01 -3.06
C LEU A 18 1.18 3.66 -2.56
N ILE A 19 0.84 4.22 -1.41
CA ILE A 19 -0.46 3.96 -0.81
C ILE A 19 -1.55 4.18 -1.87
N GLN A 20 -1.44 5.31 -2.56
CA GLN A 20 -2.40 5.65 -3.59
C GLN A 20 -2.52 4.51 -4.60
N GLN A 21 -1.37 3.96 -4.97
CA GLN A 21 -1.34 2.86 -5.92
C GLN A 21 -2.02 1.62 -5.32
N PHE A 22 -1.74 1.39 -4.05
CA PHE A 22 -2.30 0.25 -3.35
C PHE A 22 -3.82 0.41 -3.20
N THR A 23 -4.21 1.56 -2.68
CA THR A 23 -5.62 1.86 -2.47
C THR A 23 -6.38 1.81 -3.80
N THR A 24 -5.63 1.98 -4.88
CA THR A 24 -6.22 1.97 -6.21
C THR A 24 -6.17 0.55 -6.79
N ILE A 25 -5.03 -0.09 -6.60
CA ILE A 25 -4.84 -1.44 -7.11
C ILE A 25 -5.74 -2.40 -6.33
N THR A 26 -5.48 -2.48 -5.03
CA THR A 26 -6.25 -3.34 -4.16
C THR A 26 -7.68 -2.82 -4.00
N GLY A 27 -7.77 -1.58 -3.56
CA GLY A 27 -9.06 -0.94 -3.35
C GLY A 27 -9.34 -0.71 -1.87
N ALA A 28 -8.28 -0.84 -1.07
CA ALA A 28 -8.40 -0.65 0.36
C ALA A 28 -8.32 0.85 0.68
N SER A 29 -8.23 1.14 1.97
CA SER A 29 -8.15 2.51 2.42
C SER A 29 -6.69 2.94 2.57
N GLU A 30 -6.47 4.25 2.58
CA GLU A 30 -5.13 4.79 2.72
C GLU A 30 -4.44 4.18 3.94
N SER A 31 -5.08 4.34 5.08
CA SER A 31 -4.53 3.81 6.32
C SER A 31 -4.09 2.36 6.13
N VAL A 32 -4.92 1.63 5.40
CA VAL A 32 -4.62 0.23 5.13
C VAL A 32 -3.33 0.12 4.32
N GLY A 33 -3.33 0.79 3.19
CA GLY A 33 -2.16 0.80 2.31
C GLY A 33 -0.91 1.27 3.06
N LYS A 34 -1.15 2.08 4.08
CA LYS A 34 -0.05 2.60 4.88
C LYS A 34 0.43 1.51 5.84
N HIS A 35 -0.49 0.62 6.19
CA HIS A 35 -0.16 -0.46 7.10
C HIS A 35 0.46 -1.62 6.32
N MET A 36 -0.05 -1.82 5.11
CA MET A 36 0.44 -2.88 4.26
C MET A 36 1.85 -2.57 3.75
N LEU A 37 2.06 -1.31 3.40
CA LEU A 37 3.35 -0.87 2.90
C LEU A 37 4.33 -0.76 4.07
N GLU A 38 3.77 -0.70 5.27
CA GLU A 38 4.58 -0.60 6.47
C GLU A 38 5.18 -1.96 6.82
N ALA A 39 4.56 -2.99 6.29
CA ALA A 39 5.03 -4.35 6.55
C ALA A 39 5.69 -4.90 5.28
N CYS A 40 5.89 -4.02 4.32
CA CYS A 40 6.51 -4.40 3.06
C CYS A 40 7.64 -3.41 2.77
N ASN A 41 8.24 -2.90 3.84
CA ASN A 41 9.32 -1.96 3.71
C ASN A 41 8.97 -0.92 2.65
N ASN A 42 7.69 -0.59 2.60
CA ASN A 42 7.20 0.39 1.63
C ASN A 42 7.35 -0.17 0.22
N ASN A 43 6.76 -1.35 0.02
CA ASN A 43 6.80 -2.00 -1.27
C ASN A 43 5.39 -2.38 -1.70
N LEU A 44 4.90 -1.66 -2.70
CA LEU A 44 3.56 -1.91 -3.21
C LEU A 44 3.47 -3.36 -3.72
N GLU A 45 4.33 -3.67 -4.67
CA GLU A 45 4.36 -5.01 -5.25
C GLU A 45 4.16 -6.05 -4.15
N MET A 46 4.92 -5.88 -3.07
CA MET A 46 4.84 -6.80 -1.95
C MET A 46 3.51 -6.66 -1.21
N ALA A 47 3.21 -5.42 -0.84
CA ALA A 47 1.98 -5.12 -0.13
C ALA A 47 0.81 -5.80 -0.83
N VAL A 48 0.77 -5.61 -2.15
CA VAL A 48 -0.29 -6.20 -2.96
C VAL A 48 -0.28 -7.72 -2.78
N THR A 49 0.88 -8.31 -3.07
CA THR A 49 1.06 -9.74 -2.96
C THR A 49 0.72 -10.21 -1.53
N MET A 50 1.02 -9.33 -0.58
CA MET A 50 0.75 -9.64 0.81
C MET A 50 -0.74 -9.53 1.13
N PHE A 51 -1.29 -8.37 0.81
CA PHE A 51 -2.70 -8.11 1.05
C PHE A 51 -3.58 -9.07 0.24
N LEU A 52 -3.24 -9.21 -1.03
CA LEU A 52 -3.98 -10.09 -1.91
C LEU A 52 -4.01 -11.50 -1.31
N ASP A 53 -2.85 -11.94 -0.86
CA ASP A 53 -2.73 -13.26 -0.26
C ASP A 53 -3.91 -13.50 0.69
N GLY A 54 -4.23 -12.45 1.45
CA GLY A 54 -5.32 -12.53 2.39
C GLY A 54 -4.93 -13.34 3.64
N GLY A 55 -3.81 -12.94 4.23
CA GLY A 55 -3.31 -13.62 5.41
C GLY A 55 -3.99 -13.08 6.67
N GLY A 56 -3.84 -11.78 6.88
CA GLY A 56 -4.43 -11.13 8.04
C GLY A 56 -5.75 -10.45 7.68
N SER A 57 -5.68 -9.55 6.71
CA SER A 57 -6.86 -8.83 6.27
C SER A 57 -7.31 -7.86 7.36
N GLY A 58 -6.83 -6.63 7.25
CA GLY A 58 -7.19 -5.60 8.21
C GLY A 58 -7.22 -6.16 9.63
N PRO A 59 -6.03 -6.15 10.28
CA PRO A 59 -5.92 -6.65 11.64
C PRO A 59 -6.53 -5.67 12.65
N SER A 60 -7.83 -5.52 12.56
CA SER A 60 -8.55 -4.61 13.45
C SER A 60 -10.05 -4.63 13.12
N SER A 61 -10.78 -5.42 13.89
CA SER A 61 -12.22 -5.53 13.69
C SER A 61 -12.91 -5.83 15.03
N GLY A 62 -13.83 -4.96 15.39
CA GLY A 62 -14.57 -5.11 16.62
C GLY A 62 -15.86 -5.91 16.39
N GLY A 1 -9.63 9.09 -6.25
CA GLY A 1 -10.99 9.39 -5.81
C GLY A 1 -11.60 10.51 -6.66
N SER A 2 -11.88 10.17 -7.90
CA SER A 2 -12.47 11.13 -8.82
C SER A 2 -11.83 12.51 -8.62
N SER A 3 -10.76 12.72 -9.37
CA SER A 3 -10.03 13.98 -9.30
C SER A 3 -9.39 14.13 -7.91
N GLY A 4 -8.45 15.06 -7.83
CA GLY A 4 -7.76 15.31 -6.58
C GLY A 4 -6.47 16.10 -6.82
N SER A 5 -6.37 17.25 -6.16
CA SER A 5 -5.20 18.09 -6.29
C SER A 5 -5.08 19.00 -5.07
N SER A 6 -4.54 18.43 -4.00
CA SER A 6 -4.36 19.17 -2.77
C SER A 6 -3.10 18.69 -2.04
N GLY A 7 -2.39 19.64 -1.44
CA GLY A 7 -1.17 19.32 -0.73
C GLY A 7 -1.37 19.49 0.78
N GLY A 8 -0.30 19.22 1.52
CA GLY A 8 -0.35 19.33 2.97
C GLY A 8 0.97 19.87 3.52
N SER A 9 1.59 19.08 4.38
CA SER A 9 2.86 19.46 4.98
C SER A 9 3.84 18.29 4.92
N ALA A 10 5.12 18.63 4.78
CA ALA A 10 6.17 17.63 4.70
C ALA A 10 5.98 16.63 5.84
N ALA A 11 5.47 15.46 5.48
CA ALA A 11 5.24 14.41 6.45
C ALA A 11 5.50 13.04 5.80
N SER A 12 4.70 12.75 4.78
CA SER A 12 4.83 11.49 4.07
C SER A 12 4.27 11.63 2.65
N SER A 13 5.13 12.07 1.76
CA SER A 13 4.74 12.25 0.36
C SER A 13 4.95 10.96 -0.41
N ALA A 14 6.20 10.51 -0.44
CA ALA A 14 6.54 9.29 -1.14
C ALA A 14 5.58 8.17 -0.71
N LEU A 15 5.58 7.91 0.59
CA LEU A 15 4.73 6.88 1.14
C LEU A 15 3.32 7.00 0.54
N LYS A 16 2.71 8.14 0.77
CA LYS A 16 1.38 8.40 0.25
C LYS A 16 1.30 7.94 -1.21
N GLY A 17 2.17 8.53 -2.03
CA GLY A 17 2.21 8.19 -3.44
C GLY A 17 2.00 6.69 -3.65
N LEU A 18 2.78 5.90 -2.91
CA LEU A 18 2.68 4.45 -3.00
C LEU A 18 1.29 4.01 -2.56
N ILE A 19 0.91 4.44 -1.36
CA ILE A 19 -0.39 4.09 -0.81
C ILE A 19 -1.43 4.15 -1.92
N GLN A 20 -1.52 5.31 -2.56
CA GLN A 20 -2.47 5.51 -3.63
C GLN A 20 -2.47 4.31 -4.57
N GLN A 21 -1.27 3.90 -4.96
CA GLN A 21 -1.12 2.77 -5.86
C GLN A 21 -1.85 1.55 -5.29
N PHE A 22 -1.64 1.31 -4.00
CA PHE A 22 -2.27 0.19 -3.34
C PHE A 22 -3.78 0.38 -3.25
N THR A 23 -4.18 1.40 -2.51
CA THR A 23 -5.59 1.69 -2.34
C THR A 23 -6.32 1.60 -3.69
N THR A 24 -5.57 1.82 -4.76
CA THR A 24 -6.12 1.76 -6.10
C THR A 24 -6.05 0.33 -6.64
N ILE A 25 -4.86 -0.25 -6.55
CA ILE A 25 -4.64 -1.60 -7.02
C ILE A 25 -5.52 -2.57 -6.22
N THR A 26 -5.24 -2.64 -4.93
CA THR A 26 -5.99 -3.51 -4.05
C THR A 26 -7.44 -3.03 -3.93
N GLY A 27 -7.59 -1.81 -3.45
CA GLY A 27 -8.91 -1.22 -3.28
C GLY A 27 -9.20 -0.93 -1.81
N ALA A 28 -8.15 -1.00 -1.01
CA ALA A 28 -8.27 -0.74 0.42
C ALA A 28 -8.21 0.76 0.67
N SER A 29 -8.07 1.12 1.95
CA SER A 29 -8.00 2.52 2.33
C SER A 29 -6.54 2.94 2.52
N GLU A 30 -6.34 4.24 2.51
CA GLU A 30 -5.00 4.78 2.68
C GLU A 30 -4.31 4.12 3.89
N SER A 31 -4.88 4.37 5.05
CA SER A 31 -4.33 3.82 6.28
C SER A 31 -3.92 2.36 6.06
N VAL A 32 -4.81 1.63 5.39
CA VAL A 32 -4.56 0.23 5.10
C VAL A 32 -3.34 0.11 4.19
N GLY A 33 -3.43 0.79 3.06
CA GLY A 33 -2.35 0.77 2.09
C GLY A 33 -1.02 1.16 2.74
N LYS A 34 -1.13 1.87 3.85
CA LYS A 34 0.05 2.32 4.58
C LYS A 34 0.54 1.18 5.49
N HIS A 35 -0.42 0.56 6.17
CA HIS A 35 -0.11 -0.53 7.07
C HIS A 35 0.48 -1.71 6.28
N MET A 36 -0.04 -1.88 5.07
CA MET A 36 0.43 -2.95 4.21
C MET A 36 1.82 -2.64 3.64
N LEU A 37 2.01 -1.37 3.32
CA LEU A 37 3.29 -0.93 2.76
C LEU A 37 4.35 -0.94 3.87
N GLU A 38 4.02 -0.30 4.98
CA GLU A 38 4.93 -0.23 6.11
C GLU A 38 5.20 -1.63 6.65
N ALA A 39 4.31 -2.56 6.31
CA ALA A 39 4.45 -3.93 6.75
C ALA A 39 5.23 -4.73 5.70
N CYS A 40 5.69 -4.01 4.69
CA CYS A 40 6.46 -4.63 3.63
C CYS A 40 7.69 -3.77 3.35
N ASN A 41 7.92 -2.82 4.25
CA ASN A 41 9.06 -1.93 4.12
C ASN A 41 8.79 -0.94 2.98
N ASN A 42 7.54 -0.55 2.85
CA ASN A 42 7.14 0.38 1.81
C ASN A 42 7.33 -0.28 0.44
N ASN A 43 6.69 -1.43 0.28
CA ASN A 43 6.78 -2.16 -0.97
C ASN A 43 5.37 -2.49 -1.47
N LEU A 44 4.89 -1.66 -2.37
CA LEU A 44 3.56 -1.85 -2.94
C LEU A 44 3.45 -3.26 -3.50
N GLU A 45 4.43 -3.62 -4.31
CA GLU A 45 4.46 -4.93 -4.93
C GLU A 45 4.16 -6.01 -3.88
N MET A 46 4.97 -6.03 -2.84
CA MET A 46 4.81 -7.00 -1.77
C MET A 46 3.48 -6.80 -1.06
N ALA A 47 3.20 -5.55 -0.72
CA ALA A 47 1.97 -5.22 -0.04
C ALA A 47 0.79 -5.88 -0.76
N VAL A 48 0.68 -5.58 -2.05
CA VAL A 48 -0.39 -6.14 -2.86
C VAL A 48 -0.36 -7.66 -2.74
N THR A 49 0.77 -8.24 -3.10
CA THR A 49 0.92 -9.69 -3.04
C THR A 49 0.56 -10.20 -1.64
N MET A 50 0.85 -9.37 -0.65
CA MET A 50 0.57 -9.72 0.73
C MET A 50 -0.93 -9.61 1.03
N PHE A 51 -1.44 -8.41 0.79
CA PHE A 51 -2.85 -8.14 1.03
C PHE A 51 -3.74 -9.06 0.18
N LEU A 52 -3.44 -9.08 -1.11
CA LEU A 52 -4.19 -9.90 -2.04
C LEU A 52 -4.29 -11.32 -1.50
N ASP A 53 -3.13 -11.96 -1.39
CA ASP A 53 -3.07 -13.33 -0.88
C ASP A 53 -4.04 -13.47 0.30
N GLY A 54 -3.91 -12.55 1.25
CA GLY A 54 -4.76 -12.56 2.42
C GLY A 54 -5.97 -11.64 2.23
N GLY A 55 -6.89 -12.07 1.37
CA GLY A 55 -8.08 -11.30 1.10
C GLY A 55 -8.08 -10.79 -0.35
N GLY A 56 -8.76 -11.53 -1.21
CA GLY A 56 -8.84 -11.16 -2.61
C GLY A 56 -9.11 -12.38 -3.49
N SER A 57 -8.04 -13.13 -3.73
CA SER A 57 -8.13 -14.32 -4.55
C SER A 57 -8.83 -14.00 -5.87
N GLY A 58 -8.02 -13.82 -6.90
CA GLY A 58 -8.54 -13.50 -8.23
C GLY A 58 -7.44 -13.63 -9.29
N PRO A 59 -7.87 -13.43 -10.56
CA PRO A 59 -6.93 -13.51 -11.68
C PRO A 59 -6.05 -12.27 -11.74
N SER A 60 -4.92 -12.42 -12.43
CA SER A 60 -3.97 -11.32 -12.57
C SER A 60 -3.49 -10.88 -11.20
N SER A 61 -2.32 -10.24 -11.21
CA SER A 61 -1.73 -9.76 -9.97
C SER A 61 -0.96 -8.46 -10.23
N GLY A 62 -0.71 -7.73 -9.15
CA GLY A 62 0.01 -6.47 -9.24
C GLY A 62 1.47 -6.71 -9.63
N GLY A 1 -2.60 20.42 -11.16
CA GLY A 1 -1.59 20.14 -10.15
C GLY A 1 -0.35 19.52 -10.78
N SER A 2 -0.37 18.20 -10.90
CA SER A 2 0.74 17.48 -11.47
C SER A 2 2.06 17.96 -10.86
N SER A 3 2.38 17.39 -9.71
CA SER A 3 3.61 17.75 -9.02
C SER A 3 4.61 16.60 -9.07
N GLY A 4 5.87 16.94 -8.87
CA GLY A 4 6.92 15.94 -8.89
C GLY A 4 6.93 15.12 -7.60
N SER A 5 7.63 15.65 -6.60
CA SER A 5 7.71 14.98 -5.31
C SER A 5 8.55 13.70 -5.45
N SER A 6 9.45 13.52 -4.49
CA SER A 6 10.32 12.36 -4.49
C SER A 6 11.15 12.33 -3.20
N GLY A 7 11.24 11.15 -2.62
CA GLY A 7 12.00 10.97 -1.39
C GLY A 7 11.21 11.46 -0.18
N GLY A 8 11.19 10.63 0.86
CA GLY A 8 10.47 10.96 2.08
C GLY A 8 11.45 11.30 3.20
N SER A 9 11.53 10.39 4.16
CA SER A 9 12.42 10.57 5.30
C SER A 9 11.78 11.54 6.30
N ALA A 10 11.45 12.72 5.81
CA ALA A 10 10.84 13.74 6.64
C ALA A 10 9.33 13.76 6.40
N ALA A 11 8.96 13.96 5.14
CA ALA A 11 7.56 14.01 4.76
C ALA A 11 7.18 12.68 4.10
N SER A 12 5.91 12.34 4.23
CA SER A 12 5.40 11.11 3.66
C SER A 12 4.87 11.37 2.25
N SER A 13 5.80 11.65 1.35
CA SER A 13 5.44 11.93 -0.04
C SER A 13 5.42 10.62 -0.84
N ALA A 14 6.56 9.94 -0.83
CA ALA A 14 6.67 8.68 -1.55
C ALA A 14 5.69 7.66 -0.95
N LEU A 15 5.70 7.60 0.37
CA LEU A 15 4.82 6.67 1.07
C LEU A 15 3.40 6.83 0.54
N LYS A 16 2.87 8.04 0.64
CA LYS A 16 1.54 8.32 0.17
C LYS A 16 1.40 7.85 -1.28
N GLY A 17 2.24 8.39 -2.14
CA GLY A 17 2.22 8.02 -3.55
C GLY A 17 1.94 6.53 -3.72
N LEU A 18 2.76 5.73 -3.05
CA LEU A 18 2.61 4.29 -3.12
C LEU A 18 1.23 3.89 -2.60
N ILE A 19 0.93 4.34 -1.40
CA ILE A 19 -0.35 4.05 -0.78
C ILE A 19 -1.46 4.15 -1.84
N GLN A 20 -1.50 5.30 -2.50
CA GLN A 20 -2.50 5.54 -3.53
C GLN A 20 -2.53 4.37 -4.51
N GLN A 21 -1.35 3.95 -4.93
CA GLN A 21 -1.23 2.85 -5.86
C GLN A 21 -1.92 1.60 -5.30
N PHE A 22 -1.67 1.35 -4.01
CA PHE A 22 -2.26 0.20 -3.35
C PHE A 22 -3.78 0.36 -3.22
N THR A 23 -4.18 1.49 -2.66
CA THR A 23 -5.60 1.77 -2.47
C THR A 23 -6.33 1.69 -3.81
N THR A 24 -5.57 1.84 -4.88
CA THR A 24 -6.13 1.80 -6.22
C THR A 24 -6.08 0.37 -6.77
N ILE A 25 -4.90 -0.23 -6.65
CA ILE A 25 -4.70 -1.60 -7.14
C ILE A 25 -5.60 -2.55 -6.35
N THR A 26 -5.34 -2.60 -5.05
CA THR A 26 -6.11 -3.46 -4.17
C THR A 26 -7.54 -2.93 -4.01
N GLY A 27 -7.62 -1.71 -3.51
CA GLY A 27 -8.91 -1.06 -3.31
C GLY A 27 -9.13 -0.73 -1.83
N ALA A 28 -8.09 -0.96 -1.05
CA ALA A 28 -8.14 -0.68 0.38
C ALA A 28 -8.05 0.83 0.60
N SER A 29 -8.08 1.20 1.87
CA SER A 29 -8.00 2.62 2.24
C SER A 29 -6.53 3.03 2.42
N GLU A 30 -6.33 4.32 2.58
CA GLU A 30 -4.99 4.85 2.77
C GLU A 30 -4.31 4.17 3.96
N SER A 31 -4.89 4.38 5.13
CA SER A 31 -4.35 3.79 6.34
C SER A 31 -3.95 2.34 6.09
N VAL A 32 -4.81 1.64 5.38
CA VAL A 32 -4.56 0.24 5.06
C VAL A 32 -3.34 0.15 4.14
N GLY A 33 -3.41 0.90 3.05
CA GLY A 33 -2.32 0.90 2.08
C GLY A 33 -1.00 1.26 2.75
N LYS A 34 -1.10 1.84 3.92
CA LYS A 34 0.09 2.22 4.68
C LYS A 34 0.53 1.05 5.56
N HIS A 35 -0.42 0.49 6.28
CA HIS A 35 -0.15 -0.63 7.15
C HIS A 35 0.44 -1.78 6.34
N MET A 36 -0.03 -1.90 5.11
CA MET A 36 0.43 -2.95 4.22
C MET A 36 1.81 -2.62 3.66
N LEU A 37 2.02 -1.34 3.37
CA LEU A 37 3.28 -0.88 2.83
C LEU A 37 4.33 -0.89 3.94
N GLU A 38 3.92 -0.40 5.10
CA GLU A 38 4.83 -0.35 6.25
C GLU A 38 5.18 -1.77 6.71
N ALA A 39 4.39 -2.72 6.24
CA ALA A 39 4.61 -4.11 6.59
C ALA A 39 5.35 -4.81 5.46
N CYS A 40 5.79 -4.01 4.50
CA CYS A 40 6.51 -4.54 3.36
C CYS A 40 7.62 -3.55 2.98
N ASN A 41 8.19 -2.94 4.00
CA ASN A 41 9.25 -1.96 3.80
C ASN A 41 8.83 -0.99 2.69
N ASN A 42 7.62 -0.48 2.82
CA ASN A 42 7.09 0.46 1.85
C ASN A 42 7.23 -0.13 0.44
N ASN A 43 6.75 -1.36 0.31
CA ASN A 43 6.80 -2.05 -0.97
C ASN A 43 5.39 -2.37 -1.43
N LEU A 44 4.95 -1.66 -2.46
CA LEU A 44 3.62 -1.87 -3.01
C LEU A 44 3.50 -3.30 -3.52
N GLU A 45 4.36 -3.64 -4.45
CA GLU A 45 4.36 -4.97 -5.03
C GLU A 45 4.12 -6.01 -3.95
N MET A 46 4.96 -5.98 -2.92
CA MET A 46 4.85 -6.91 -1.82
C MET A 46 3.51 -6.75 -1.09
N ALA A 47 3.26 -5.51 -0.68
CA ALA A 47 2.03 -5.21 0.03
C ALA A 47 0.85 -5.85 -0.71
N VAL A 48 0.76 -5.54 -1.99
CA VAL A 48 -0.31 -6.07 -2.82
C VAL A 48 -0.31 -7.60 -2.72
N THR A 49 0.83 -8.18 -3.06
CA THR A 49 0.98 -9.62 -3.00
C THR A 49 0.62 -10.16 -1.62
N MET A 50 0.91 -9.34 -0.62
CA MET A 50 0.63 -9.72 0.76
C MET A 50 -0.87 -9.59 1.06
N PHE A 51 -1.39 -8.40 0.81
CA PHE A 51 -2.80 -8.14 1.05
C PHE A 51 -3.69 -9.06 0.21
N LEU A 52 -3.42 -9.06 -1.09
CA LEU A 52 -4.17 -9.89 -2.01
C LEU A 52 -4.30 -11.30 -1.43
N ASP A 53 -3.14 -11.93 -1.25
CA ASP A 53 -3.10 -13.28 -0.71
C ASP A 53 -4.04 -13.36 0.51
N GLY A 54 -3.86 -12.42 1.42
CA GLY A 54 -4.66 -12.38 2.62
C GLY A 54 -6.15 -12.53 2.29
N GLY A 55 -6.69 -11.49 1.68
CA GLY A 55 -8.10 -11.49 1.30
C GLY A 55 -8.34 -10.55 0.12
N GLY A 56 -9.04 -11.06 -0.88
CA GLY A 56 -9.35 -10.28 -2.06
C GLY A 56 -9.08 -11.08 -3.34
N SER A 57 -10.08 -11.86 -3.74
CA SER A 57 -9.95 -12.68 -4.93
C SER A 57 -11.01 -12.27 -5.96
N GLY A 58 -10.54 -11.95 -7.16
CA GLY A 58 -11.43 -11.55 -8.23
C GLY A 58 -10.64 -11.08 -9.45
N PRO A 59 -9.91 -12.04 -10.07
CA PRO A 59 -9.10 -11.75 -11.25
C PRO A 59 -9.99 -11.57 -12.49
N SER A 60 -10.67 -10.44 -12.52
CA SER A 60 -11.56 -10.14 -13.65
C SER A 60 -11.17 -8.80 -14.26
N SER A 61 -11.29 -8.73 -15.58
CA SER A 61 -10.96 -7.52 -16.31
C SER A 61 -11.14 -7.74 -17.81
N GLY A 62 -12.05 -6.97 -18.38
CA GLY A 62 -12.32 -7.07 -19.81
C GLY A 62 -13.36 -8.16 -20.09
N GLY A 1 9.53 24.08 -18.54
CA GLY A 1 9.42 22.70 -18.98
C GLY A 1 9.04 21.78 -17.81
N SER A 2 9.24 20.49 -18.03
CA SER A 2 8.90 19.51 -17.01
C SER A 2 7.41 19.52 -16.73
N SER A 3 6.88 18.35 -16.45
CA SER A 3 5.46 18.22 -16.16
C SER A 3 5.11 16.75 -15.88
N GLY A 4 5.24 16.38 -14.62
CA GLY A 4 4.94 15.01 -14.21
C GLY A 4 5.23 14.81 -12.72
N SER A 5 5.40 13.55 -12.35
CA SER A 5 5.69 13.21 -10.97
C SER A 5 7.20 13.25 -10.71
N SER A 6 7.67 14.45 -10.38
CA SER A 6 9.08 14.64 -10.11
C SER A 6 9.35 16.10 -9.75
N GLY A 7 9.08 16.43 -8.49
CA GLY A 7 9.29 17.78 -8.01
C GLY A 7 10.41 17.83 -6.98
N GLY A 8 10.08 17.42 -5.76
CA GLY A 8 11.06 17.41 -4.68
C GLY A 8 11.16 16.02 -4.05
N SER A 9 11.66 16.00 -2.82
CA SER A 9 11.82 14.75 -2.09
C SER A 9 11.17 14.87 -0.72
N ALA A 10 10.29 13.91 -0.44
CA ALA A 10 9.59 13.89 0.83
C ALA A 10 9.08 12.47 1.12
N ALA A 11 9.59 11.89 2.19
CA ALA A 11 9.21 10.55 2.58
C ALA A 11 7.68 10.44 2.57
N SER A 12 7.04 11.26 3.41
CA SER A 12 5.60 11.26 3.49
C SER A 12 4.99 11.13 2.10
N SER A 13 5.32 12.09 1.25
CA SER A 13 4.82 12.08 -0.12
C SER A 13 5.04 10.72 -0.77
N ALA A 14 6.31 10.34 -0.82
CA ALA A 14 6.69 9.06 -1.41
C ALA A 14 5.68 7.99 -0.97
N LEU A 15 5.61 7.79 0.34
CA LEU A 15 4.70 6.81 0.90
C LEU A 15 3.33 6.95 0.25
N LYS A 16 2.76 8.13 0.42
CA LYS A 16 1.45 8.42 -0.15
C LYS A 16 1.38 7.88 -1.58
N GLY A 17 2.31 8.36 -2.41
CA GLY A 17 2.37 7.93 -3.79
C GLY A 17 2.06 6.44 -3.91
N LEU A 18 2.82 5.63 -3.19
CA LEU A 18 2.65 4.19 -3.21
C LEU A 18 1.26 3.85 -2.66
N ILE A 19 0.98 4.37 -1.48
CA ILE A 19 -0.30 4.13 -0.84
C ILE A 19 -1.42 4.20 -1.89
N GLN A 20 -1.40 5.30 -2.63
CA GLN A 20 -2.40 5.51 -3.67
C GLN A 20 -2.45 4.31 -4.61
N GLN A 21 -1.27 3.84 -4.98
CA GLN A 21 -1.17 2.69 -5.87
C GLN A 21 -1.91 1.49 -5.28
N PHE A 22 -1.68 1.27 -4.00
CA PHE A 22 -2.31 0.17 -3.30
C PHE A 22 -3.83 0.36 -3.24
N THR A 23 -4.23 1.43 -2.56
CA THR A 23 -5.64 1.74 -2.42
C THR A 23 -6.34 1.69 -3.78
N THR A 24 -5.55 1.84 -4.83
CA THR A 24 -6.07 1.82 -6.19
C THR A 24 -6.01 0.40 -6.75
N ILE A 25 -4.85 -0.23 -6.57
CA ILE A 25 -4.66 -1.58 -7.06
C ILE A 25 -5.54 -2.54 -6.27
N THR A 26 -5.24 -2.66 -4.98
CA THR A 26 -5.99 -3.54 -4.11
C THR A 26 -7.42 -3.01 -3.93
N GLY A 27 -7.52 -1.79 -3.43
CA GLY A 27 -8.81 -1.17 -3.22
C GLY A 27 -9.05 -0.90 -1.73
N ALA A 28 -7.96 -0.96 -0.97
CA ALA A 28 -8.04 -0.73 0.46
C ALA A 28 -7.92 0.78 0.74
N SER A 29 -8.11 1.13 2.00
CA SER A 29 -8.02 2.52 2.41
C SER A 29 -6.56 2.90 2.64
N GLU A 30 -6.30 4.19 2.57
CA GLU A 30 -4.95 4.71 2.77
C GLU A 30 -4.31 4.04 3.99
N SER A 31 -4.89 4.31 5.15
CA SER A 31 -4.39 3.76 6.40
C SER A 31 -3.95 2.31 6.17
N VAL A 32 -4.85 1.54 5.57
CA VAL A 32 -4.57 0.14 5.29
C VAL A 32 -3.36 0.04 4.36
N GLY A 33 -3.48 0.70 3.22
CA GLY A 33 -2.40 0.69 2.25
C GLY A 33 -1.08 1.13 2.88
N LYS A 34 -1.20 1.87 3.97
CA LYS A 34 -0.03 2.36 4.68
C LYS A 34 0.52 1.25 5.58
N HIS A 35 -0.41 0.55 6.22
CA HIS A 35 -0.04 -0.54 7.11
C HIS A 35 0.53 -1.70 6.30
N MET A 36 -0.04 -1.90 5.12
CA MET A 36 0.40 -2.96 4.25
C MET A 36 1.77 -2.65 3.64
N LEU A 37 1.97 -1.37 3.36
CA LEU A 37 3.23 -0.93 2.78
C LEU A 37 4.32 -0.95 3.85
N GLU A 38 4.01 -0.32 4.98
CA GLU A 38 4.95 -0.27 6.09
C GLU A 38 5.21 -1.67 6.63
N ALA A 39 4.30 -2.57 6.31
CA ALA A 39 4.41 -3.95 6.77
C ALA A 39 5.22 -4.75 5.76
N CYS A 40 5.65 -4.06 4.71
CA CYS A 40 6.43 -4.69 3.66
C CYS A 40 7.59 -3.76 3.31
N ASN A 41 7.90 -2.87 4.23
CA ASN A 41 8.99 -1.92 4.04
C ASN A 41 8.66 -1.02 2.83
N ASN A 42 7.49 -0.41 2.89
CA ASN A 42 7.05 0.47 1.82
C ASN A 42 7.30 -0.22 0.47
N ASN A 43 6.59 -1.32 0.26
CA ASN A 43 6.71 -2.07 -0.97
C ASN A 43 5.33 -2.45 -1.49
N LEU A 44 4.75 -1.54 -2.28
CA LEU A 44 3.44 -1.76 -2.84
C LEU A 44 3.37 -3.18 -3.42
N GLU A 45 4.36 -3.49 -4.25
CA GLU A 45 4.41 -4.80 -4.88
C GLU A 45 4.14 -5.90 -3.85
N MET A 46 4.97 -5.92 -2.82
CA MET A 46 4.83 -6.91 -1.76
C MET A 46 3.50 -6.75 -1.03
N ALA A 47 3.24 -5.52 -0.60
CA ALA A 47 2.01 -5.23 0.10
C ALA A 47 0.82 -5.81 -0.67
N VAL A 48 0.74 -5.46 -1.94
CA VAL A 48 -0.32 -5.94 -2.79
C VAL A 48 -0.35 -7.47 -2.73
N THR A 49 0.77 -8.08 -3.08
CA THR A 49 0.88 -9.52 -3.07
C THR A 49 0.49 -10.08 -1.70
N MET A 50 0.85 -9.33 -0.66
CA MET A 50 0.55 -9.73 0.70
C MET A 50 -0.95 -9.61 0.99
N PHE A 51 -1.46 -8.40 0.77
CA PHE A 51 -2.86 -8.13 1.01
C PHE A 51 -3.75 -8.98 0.09
N LEU A 52 -3.34 -9.05 -1.17
CA LEU A 52 -4.07 -9.81 -2.16
C LEU A 52 -4.11 -11.28 -1.74
N ASP A 53 -2.92 -11.83 -1.49
CA ASP A 53 -2.81 -13.21 -1.07
C ASP A 53 -3.71 -13.46 0.13
N GLY A 54 -3.62 -12.56 1.10
CA GLY A 54 -4.42 -12.67 2.31
C GLY A 54 -5.90 -12.88 1.97
N GLY A 55 -6.47 -11.89 1.29
CA GLY A 55 -7.87 -11.96 0.90
C GLY A 55 -8.13 -11.13 -0.36
N GLY A 56 -7.90 -11.78 -1.50
CA GLY A 56 -8.11 -11.11 -2.78
C GLY A 56 -9.55 -11.28 -3.25
N SER A 57 -9.88 -12.51 -3.63
CA SER A 57 -11.22 -12.82 -4.10
C SER A 57 -11.52 -12.03 -5.37
N GLY A 58 -12.13 -12.71 -6.33
CA GLY A 58 -12.48 -12.10 -7.59
C GLY A 58 -13.99 -12.00 -7.77
N PRO A 59 -14.42 -11.06 -8.65
CA PRO A 59 -15.83 -10.87 -8.93
C PRO A 59 -16.39 -11.99 -9.79
N SER A 60 -15.81 -12.13 -10.98
CA SER A 60 -16.22 -13.16 -11.91
C SER A 60 -15.33 -14.39 -11.77
N SER A 61 -15.85 -15.38 -11.05
CA SER A 61 -15.10 -16.61 -10.83
C SER A 61 -14.60 -17.16 -12.17
N GLY A 62 -13.28 -17.21 -12.30
CA GLY A 62 -12.67 -17.71 -13.51
C GLY A 62 -12.03 -19.08 -13.28
N GLY A 1 -7.95 6.77 -8.99
CA GLY A 1 -6.75 6.92 -8.18
C GLY A 1 -5.62 7.54 -9.01
N SER A 2 -5.15 8.68 -8.52
CA SER A 2 -4.07 9.39 -9.18
C SER A 2 -2.72 8.89 -8.68
N SER A 3 -1.69 9.23 -9.43
CA SER A 3 -0.33 8.81 -9.08
C SER A 3 0.41 9.97 -8.41
N GLY A 4 0.70 9.78 -7.13
CA GLY A 4 1.41 10.79 -6.36
C GLY A 4 2.76 11.12 -6.99
N SER A 5 3.39 12.15 -6.46
CA SER A 5 4.69 12.57 -6.96
C SER A 5 5.74 11.49 -6.68
N SER A 6 6.34 10.99 -7.75
CA SER A 6 7.35 9.96 -7.63
C SER A 6 8.70 10.59 -7.30
N GLY A 7 9.14 11.47 -8.19
CA GLY A 7 10.41 12.16 -8.00
C GLY A 7 10.50 12.76 -6.61
N GLY A 8 11.48 12.28 -5.85
CA GLY A 8 11.69 12.75 -4.50
C GLY A 8 12.23 11.64 -3.60
N SER A 9 12.87 12.06 -2.52
CA SER A 9 13.44 11.12 -1.57
C SER A 9 13.12 11.55 -0.13
N ALA A 10 12.06 10.96 0.40
CA ALA A 10 11.64 11.27 1.76
C ALA A 10 10.55 10.28 2.20
N ALA A 11 10.15 10.40 3.46
CA ALA A 11 9.12 9.53 4.00
C ALA A 11 7.85 10.35 4.25
N SER A 12 7.20 10.70 3.16
CA SER A 12 5.97 11.48 3.25
C SER A 12 5.21 11.41 1.92
N SER A 13 5.89 11.81 0.86
CA SER A 13 5.29 11.80 -0.46
C SER A 13 5.40 10.40 -1.08
N ALA A 14 6.56 9.79 -0.87
CA ALA A 14 6.81 8.46 -1.39
C ALA A 14 5.75 7.49 -0.84
N LEU A 15 5.72 7.40 0.48
CA LEU A 15 4.76 6.52 1.14
C LEU A 15 3.37 6.71 0.50
N LYS A 16 2.85 7.92 0.66
CA LYS A 16 1.55 8.24 0.12
C LYS A 16 1.47 7.76 -1.34
N GLY A 17 2.36 8.30 -2.15
CA GLY A 17 2.41 7.94 -3.56
C GLY A 17 2.12 6.45 -3.75
N LEU A 18 2.78 5.65 -2.93
CA LEU A 18 2.62 4.21 -2.99
C LEU A 18 1.20 3.85 -2.52
N ILE A 19 0.87 4.32 -1.33
CA ILE A 19 -0.44 4.05 -0.76
C ILE A 19 -1.50 4.15 -1.86
N GLN A 20 -1.53 5.29 -2.50
CA GLN A 20 -2.48 5.52 -3.58
C GLN A 20 -2.51 4.33 -4.54
N GLN A 21 -1.32 3.93 -4.96
CA GLN A 21 -1.19 2.81 -5.87
C GLN A 21 -1.90 1.58 -5.30
N PHE A 22 -1.66 1.34 -4.02
CA PHE A 22 -2.26 0.20 -3.35
C PHE A 22 -3.78 0.37 -3.24
N THR A 23 -4.18 1.48 -2.65
CA THR A 23 -5.60 1.77 -2.48
C THR A 23 -6.32 1.70 -3.83
N THR A 24 -5.53 1.82 -4.89
CA THR A 24 -6.09 1.77 -6.24
C THR A 24 -6.06 0.34 -6.77
N ILE A 25 -4.88 -0.28 -6.66
CA ILE A 25 -4.70 -1.64 -7.13
C ILE A 25 -5.61 -2.57 -6.33
N THR A 26 -5.36 -2.61 -5.03
CA THR A 26 -6.15 -3.46 -4.14
C THR A 26 -7.57 -2.91 -4.02
N GLY A 27 -7.67 -1.69 -3.53
CA GLY A 27 -8.97 -1.05 -3.36
C GLY A 27 -9.26 -0.80 -1.88
N ALA A 28 -8.20 -0.84 -1.07
CA ALA A 28 -8.33 -0.63 0.35
C ALA A 28 -8.21 0.88 0.64
N SER A 29 -8.18 1.19 1.93
CA SER A 29 -8.07 2.57 2.35
C SER A 29 -6.61 2.95 2.53
N GLU A 30 -6.37 4.26 2.61
CA GLU A 30 -5.01 4.77 2.78
C GLU A 30 -4.34 4.08 3.96
N SER A 31 -4.88 4.34 5.15
CA SER A 31 -4.33 3.76 6.36
C SER A 31 -3.93 2.30 6.11
N VAL A 32 -4.81 1.59 5.43
CA VAL A 32 -4.56 0.20 5.11
C VAL A 32 -3.32 0.09 4.22
N GLY A 33 -3.40 0.75 3.08
CA GLY A 33 -2.29 0.75 2.13
C GLY A 33 -0.99 1.17 2.81
N LYS A 34 -1.13 1.90 3.90
CA LYS A 34 0.02 2.37 4.65
C LYS A 34 0.51 1.26 5.57
N HIS A 35 -0.44 0.56 6.17
CA HIS A 35 -0.11 -0.53 7.06
C HIS A 35 0.47 -1.70 6.27
N MET A 36 -0.06 -1.88 5.06
CA MET A 36 0.40 -2.95 4.19
C MET A 36 1.78 -2.64 3.61
N LEU A 37 1.99 -1.36 3.32
CA LEU A 37 3.25 -0.92 2.77
C LEU A 37 4.32 -0.96 3.86
N GLU A 38 3.98 -0.38 5.00
CA GLU A 38 4.90 -0.34 6.14
C GLU A 38 5.22 -1.76 6.61
N ALA A 39 4.35 -2.68 6.24
CA ALA A 39 4.53 -4.08 6.62
C ALA A 39 5.36 -4.78 5.55
N CYS A 40 5.77 -4.02 4.56
CA CYS A 40 6.57 -4.55 3.47
C CYS A 40 7.77 -3.63 3.25
N ASN A 41 7.94 -2.70 4.18
CA ASN A 41 9.05 -1.76 4.11
C ASN A 41 8.78 -0.77 2.98
N ASN A 42 7.51 -0.47 2.78
CA ASN A 42 7.12 0.47 1.73
C ASN A 42 7.30 -0.20 0.37
N ASN A 43 6.69 -1.37 0.22
CA ASN A 43 6.79 -2.11 -1.02
C ASN A 43 5.38 -2.43 -1.51
N LEU A 44 4.88 -1.57 -2.38
CA LEU A 44 3.54 -1.75 -2.94
C LEU A 44 3.43 -3.17 -3.51
N GLU A 45 4.39 -3.52 -4.35
CA GLU A 45 4.42 -4.83 -4.96
C GLU A 45 4.13 -5.91 -3.92
N MET A 46 5.00 -5.95 -2.91
CA MET A 46 4.85 -6.93 -1.84
C MET A 46 3.52 -6.75 -1.11
N ALA A 47 3.26 -5.51 -0.71
CA ALA A 47 2.03 -5.20 0.00
C ALA A 47 0.85 -5.84 -0.73
N VAL A 48 0.73 -5.49 -2.00
CA VAL A 48 -0.35 -6.02 -2.83
C VAL A 48 -0.36 -7.54 -2.72
N THR A 49 0.77 -8.14 -3.05
CA THR A 49 0.90 -9.59 -3.00
C THR A 49 0.53 -10.10 -1.60
N MET A 50 0.91 -9.33 -0.60
CA MET A 50 0.63 -9.69 0.77
C MET A 50 -0.86 -9.58 1.08
N PHE A 51 -1.39 -8.39 0.82
CA PHE A 51 -2.80 -8.13 1.06
C PHE A 51 -3.68 -9.07 0.23
N LEU A 52 -3.44 -9.03 -1.08
CA LEU A 52 -4.21 -9.87 -2.00
C LEU A 52 -4.31 -11.28 -1.43
N ASP A 53 -3.15 -11.84 -1.10
CA ASP A 53 -3.09 -13.18 -0.54
C ASP A 53 -3.44 -13.13 0.95
N GLY A 54 -4.62 -12.58 1.23
CA GLY A 54 -5.09 -12.47 2.60
C GLY A 54 -6.48 -11.85 2.65
N GLY A 55 -6.62 -10.72 1.97
CA GLY A 55 -7.89 -10.02 1.94
C GLY A 55 -8.87 -10.72 1.00
N GLY A 56 -10.14 -10.65 1.36
CA GLY A 56 -11.19 -11.26 0.56
C GLY A 56 -12.30 -10.27 0.24
N SER A 57 -12.10 -9.54 -0.85
CA SER A 57 -13.07 -8.55 -1.28
C SER A 57 -12.89 -8.24 -2.76
N GLY A 58 -13.98 -8.33 -3.50
CA GLY A 58 -13.96 -8.07 -4.93
C GLY A 58 -14.66 -9.17 -5.71
N PRO A 59 -15.11 -8.82 -6.95
CA PRO A 59 -15.80 -9.77 -7.79
C PRO A 59 -14.82 -10.77 -8.41
N SER A 60 -15.38 -11.74 -9.13
CA SER A 60 -14.56 -12.75 -9.77
C SER A 60 -13.80 -12.16 -10.95
N SER A 61 -12.53 -12.50 -11.03
CA SER A 61 -11.68 -12.01 -12.11
C SER A 61 -11.80 -12.92 -13.32
N GLY A 62 -12.49 -12.40 -14.34
CA GLY A 62 -12.69 -13.16 -15.56
C GLY A 62 -11.37 -13.75 -16.05
N GLY A 1 -5.45 21.52 -12.50
CA GLY A 1 -4.28 22.05 -11.81
C GLY A 1 -4.53 22.13 -10.30
N SER A 2 -4.00 21.14 -9.60
CA SER A 2 -4.16 21.09 -8.16
C SER A 2 -3.45 19.86 -7.60
N SER A 3 -2.19 20.06 -7.23
CA SER A 3 -1.39 18.98 -6.67
C SER A 3 -0.30 19.54 -5.76
N GLY A 4 0.20 18.68 -4.89
CA GLY A 4 1.24 19.08 -3.96
C GLY A 4 0.65 19.72 -2.71
N SER A 5 0.14 18.87 -1.82
CA SER A 5 -0.46 19.34 -0.59
C SER A 5 0.39 18.91 0.60
N SER A 6 0.75 19.89 1.42
CA SER A 6 1.56 19.62 2.60
C SER A 6 0.81 20.05 3.86
N GLY A 7 -0.09 19.17 4.30
CA GLY A 7 -0.88 19.46 5.49
C GLY A 7 -1.64 18.21 5.94
N GLY A 8 -1.40 17.84 7.19
CA GLY A 8 -2.05 16.67 7.76
C GLY A 8 -1.41 15.37 7.25
N SER A 9 -0.13 15.24 7.53
CA SER A 9 0.62 14.07 7.11
C SER A 9 1.92 13.95 7.91
N ALA A 10 2.77 14.94 7.73
CA ALA A 10 4.06 14.97 8.42
C ALA A 10 4.92 13.82 7.91
N ALA A 11 5.67 14.10 6.85
CA ALA A 11 6.54 13.10 6.27
C ALA A 11 5.70 11.96 5.69
N SER A 12 5.31 12.12 4.44
CA SER A 12 4.51 11.12 3.76
C SER A 12 4.28 11.52 2.30
N SER A 13 5.40 11.74 1.62
CA SER A 13 5.35 12.14 0.22
C SER A 13 5.35 10.89 -0.67
N ALA A 14 6.49 10.21 -0.67
CA ALA A 14 6.63 9.00 -1.47
C ALA A 14 5.66 7.94 -0.97
N LEU A 15 5.66 7.75 0.35
CA LEU A 15 4.77 6.77 0.97
C LEU A 15 3.37 6.90 0.36
N LYS A 16 2.74 8.02 0.66
CA LYS A 16 1.40 8.28 0.16
C LYS A 16 1.31 7.82 -1.30
N GLY A 17 2.20 8.36 -2.12
CA GLY A 17 2.24 8.00 -3.53
C GLY A 17 1.97 6.52 -3.73
N LEU A 18 2.75 5.70 -3.03
CA LEU A 18 2.61 4.26 -3.12
C LEU A 18 1.21 3.86 -2.64
N ILE A 19 0.90 4.30 -1.42
CA ILE A 19 -0.39 3.99 -0.83
C ILE A 19 -1.48 4.09 -1.90
N GLN A 20 -1.53 5.24 -2.54
CA GLN A 20 -2.51 5.48 -3.58
C GLN A 20 -2.55 4.30 -4.55
N GLN A 21 -1.37 3.89 -4.99
CA GLN A 21 -1.25 2.77 -5.92
C GLN A 21 -1.93 1.53 -5.34
N PHE A 22 -1.68 1.28 -4.06
CA PHE A 22 -2.26 0.14 -3.38
C PHE A 22 -3.77 0.32 -3.20
N THR A 23 -4.13 1.46 -2.61
CA THR A 23 -5.53 1.76 -2.38
C THR A 23 -6.31 1.73 -3.69
N THR A 24 -5.58 1.90 -4.78
CA THR A 24 -6.20 1.89 -6.10
C THR A 24 -6.16 0.48 -6.70
N ILE A 25 -5.00 -0.15 -6.58
CA ILE A 25 -4.82 -1.50 -7.10
C ILE A 25 -5.69 -2.47 -6.29
N THR A 26 -5.46 -2.48 -4.99
CA THR A 26 -6.20 -3.35 -4.10
C THR A 26 -7.64 -2.85 -3.95
N GLY A 27 -7.75 -1.57 -3.60
CA GLY A 27 -9.05 -0.96 -3.41
C GLY A 27 -9.37 -0.77 -1.93
N ALA A 28 -8.31 -0.77 -1.13
CA ALA A 28 -8.45 -0.61 0.31
C ALA A 28 -8.39 0.88 0.66
N SER A 29 -8.17 1.16 1.93
CA SER A 29 -8.08 2.53 2.40
C SER A 29 -6.62 2.94 2.56
N GLU A 30 -6.41 4.24 2.60
CA GLU A 30 -5.06 4.78 2.74
C GLU A 30 -4.35 4.12 3.93
N SER A 31 -4.90 4.36 5.11
CA SER A 31 -4.33 3.80 6.32
C SER A 31 -3.93 2.34 6.09
N VAL A 32 -4.80 1.62 5.39
CA VAL A 32 -4.55 0.23 5.09
C VAL A 32 -3.32 0.12 4.19
N GLY A 33 -3.42 0.77 3.04
CA GLY A 33 -2.33 0.75 2.07
C GLY A 33 -1.00 1.13 2.73
N LYS A 34 -1.12 1.85 3.84
CA LYS A 34 0.05 2.29 4.58
C LYS A 34 0.53 1.16 5.48
N HIS A 35 -0.41 0.57 6.20
CA HIS A 35 -0.10 -0.52 7.11
C HIS A 35 0.49 -1.70 6.31
N MET A 36 -0.03 -1.86 5.09
CA MET A 36 0.43 -2.94 4.23
C MET A 36 1.83 -2.63 3.67
N LEU A 37 2.03 -1.36 3.33
CA LEU A 37 3.30 -0.92 2.79
C LEU A 37 4.35 -0.94 3.90
N GLU A 38 3.97 -0.37 5.03
CA GLU A 38 4.87 -0.29 6.18
C GLU A 38 5.19 -1.70 6.68
N ALA A 39 4.38 -2.65 6.25
CA ALA A 39 4.57 -4.03 6.64
C ALA A 39 5.39 -4.76 5.58
N CYS A 40 5.80 -4.01 4.58
CA CYS A 40 6.59 -4.56 3.50
C CYS A 40 7.81 -3.66 3.27
N ASN A 41 7.98 -2.72 4.19
CA ASN A 41 9.09 -1.78 4.11
C ASN A 41 8.82 -0.77 3.00
N ASN A 42 7.55 -0.49 2.79
CA ASN A 42 7.14 0.46 1.77
C ASN A 42 7.29 -0.19 0.39
N ASN A 43 6.76 -1.40 0.28
CA ASN A 43 6.83 -2.14 -0.97
C ASN A 43 5.42 -2.45 -1.45
N LEU A 44 4.96 -1.68 -2.43
CA LEU A 44 3.64 -1.86 -2.98
C LEU A 44 3.50 -3.29 -3.49
N GLU A 45 4.45 -3.68 -4.32
CA GLU A 45 4.45 -5.02 -4.89
C GLU A 45 4.17 -6.06 -3.81
N MET A 46 5.04 -6.08 -2.81
CA MET A 46 4.89 -7.01 -1.70
C MET A 46 3.56 -6.81 -0.99
N ALA A 47 3.33 -5.58 -0.58
CA ALA A 47 2.10 -5.24 0.11
C ALA A 47 0.90 -5.81 -0.65
N VAL A 48 0.85 -5.46 -1.93
CA VAL A 48 -0.23 -5.93 -2.79
C VAL A 48 -0.32 -7.45 -2.70
N THR A 49 0.79 -8.10 -3.03
CA THR A 49 0.86 -9.55 -2.99
C THR A 49 0.44 -10.07 -1.61
N MET A 50 0.89 -9.37 -0.59
CA MET A 50 0.58 -9.74 0.78
C MET A 50 -0.91 -9.61 1.05
N PHE A 51 -1.44 -8.42 0.79
CA PHE A 51 -2.84 -8.14 0.99
C PHE A 51 -3.71 -9.00 0.07
N LEU A 52 -3.37 -8.97 -1.21
CA LEU A 52 -4.10 -9.74 -2.20
C LEU A 52 -4.20 -11.19 -1.74
N ASP A 53 -3.05 -11.84 -1.63
CA ASP A 53 -3.00 -13.22 -1.20
C ASP A 53 -3.88 -13.39 0.05
N GLY A 54 -3.70 -12.47 0.98
CA GLY A 54 -4.46 -12.52 2.22
C GLY A 54 -5.59 -11.49 2.20
N GLY A 55 -6.65 -11.84 1.47
CA GLY A 55 -7.80 -10.95 1.37
C GLY A 55 -9.09 -11.77 1.19
N GLY A 56 -10.02 -11.17 0.47
CA GLY A 56 -11.30 -11.82 0.23
C GLY A 56 -11.43 -12.24 -1.24
N SER A 57 -11.14 -13.51 -1.50
CA SER A 57 -11.23 -14.04 -2.84
C SER A 57 -11.00 -15.55 -2.82
N GLY A 58 -11.59 -16.23 -3.81
CA GLY A 58 -11.46 -17.67 -3.90
C GLY A 58 -11.16 -18.09 -5.34
N PRO A 59 -9.91 -17.78 -5.77
CA PRO A 59 -9.48 -18.13 -7.12
C PRO A 59 -9.20 -19.62 -7.24
N SER A 60 -8.34 -20.11 -6.35
CA SER A 60 -7.98 -21.52 -6.35
C SER A 60 -7.74 -22.00 -4.91
N SER A 61 -8.24 -23.19 -4.64
CA SER A 61 -8.09 -23.78 -3.32
C SER A 61 -8.32 -25.28 -3.38
N GLY A 62 -7.26 -26.00 -3.74
CA GLY A 62 -7.33 -27.44 -3.84
C GLY A 62 -5.93 -28.05 -3.93
N GLY A 1 12.26 -4.98 21.79
CA GLY A 1 12.69 -5.80 20.68
C GLY A 1 11.50 -6.49 20.01
N SER A 2 11.03 -5.85 18.94
CA SER A 2 9.89 -6.39 18.20
C SER A 2 10.38 -7.05 16.91
N SER A 3 9.74 -8.16 16.58
CA SER A 3 10.09 -8.90 15.38
C SER A 3 10.39 -7.92 14.24
N GLY A 4 11.67 -7.81 13.92
CA GLY A 4 12.11 -6.92 12.86
C GLY A 4 12.20 -5.48 13.36
N SER A 5 13.15 -4.75 12.80
CA SER A 5 13.35 -3.36 13.16
C SER A 5 12.00 -2.65 13.27
N SER A 6 11.27 -2.66 12.16
CA SER A 6 9.96 -2.02 12.12
C SER A 6 10.10 -0.52 12.39
N GLY A 7 9.24 0.25 11.75
CA GLY A 7 9.25 1.69 11.91
C GLY A 7 10.11 2.35 10.83
N GLY A 8 10.56 3.56 11.13
CA GLY A 8 11.38 4.32 10.20
C GLY A 8 10.54 4.88 9.06
N SER A 9 10.23 6.16 9.17
CA SER A 9 9.44 6.83 8.16
C SER A 9 9.85 8.30 8.05
N ALA A 10 10.28 8.67 6.86
CA ALA A 10 10.71 10.04 6.62
C ALA A 10 10.45 10.40 5.15
N ALA A 11 9.19 10.58 4.82
CA ALA A 11 8.80 10.91 3.46
C ALA A 11 7.42 11.57 3.48
N SER A 12 6.44 10.81 3.93
CA SER A 12 5.08 11.30 4.00
C SER A 12 4.45 11.33 2.61
N SER A 13 5.10 12.07 1.72
CA SER A 13 4.63 12.19 0.35
C SER A 13 4.87 10.88 -0.40
N ALA A 14 6.13 10.50 -0.49
CA ALA A 14 6.50 9.28 -1.18
C ALA A 14 5.55 8.16 -0.76
N LEU A 15 5.56 7.86 0.53
CA LEU A 15 4.71 6.81 1.07
C LEU A 15 3.30 6.95 0.48
N LYS A 16 2.70 8.10 0.73
CA LYS A 16 1.36 8.37 0.23
C LYS A 16 1.28 7.94 -1.23
N GLY A 17 2.10 8.57 -2.06
CA GLY A 17 2.12 8.26 -3.47
C GLY A 17 1.94 6.75 -3.71
N LEU A 18 2.68 5.98 -2.93
CA LEU A 18 2.61 4.53 -3.04
C LEU A 18 1.24 4.06 -2.58
N ILE A 19 0.89 4.44 -1.36
CA ILE A 19 -0.39 4.06 -0.79
C ILE A 19 -1.47 4.15 -1.86
N GLN A 20 -1.56 5.31 -2.48
CA GLN A 20 -2.53 5.53 -3.53
C GLN A 20 -2.55 4.36 -4.50
N GLN A 21 -1.36 3.96 -4.92
CA GLN A 21 -1.21 2.85 -5.84
C GLN A 21 -1.91 1.60 -5.29
N PHE A 22 -1.67 1.35 -4.02
CA PHE A 22 -2.25 0.19 -3.35
C PHE A 22 -3.77 0.36 -3.21
N THR A 23 -4.16 1.49 -2.65
CA THR A 23 -5.57 1.78 -2.45
C THR A 23 -6.32 1.74 -3.79
N THR A 24 -5.56 1.91 -4.86
CA THR A 24 -6.13 1.88 -6.19
C THR A 24 -6.08 0.47 -6.77
N ILE A 25 -4.92 -0.16 -6.63
CA ILE A 25 -4.74 -1.51 -7.14
C ILE A 25 -5.64 -2.47 -6.35
N THR A 26 -5.40 -2.52 -5.05
CA THR A 26 -6.19 -3.39 -4.19
C THR A 26 -7.62 -2.84 -4.04
N GLY A 27 -7.71 -1.63 -3.52
CA GLY A 27 -9.00 -1.00 -3.33
C GLY A 27 -9.28 -0.77 -1.84
N ALA A 28 -8.21 -0.84 -1.05
CA ALA A 28 -8.33 -0.65 0.38
C ALA A 28 -8.33 0.84 0.69
N SER A 29 -8.04 1.16 1.95
CA SER A 29 -8.01 2.54 2.38
C SER A 29 -6.55 2.99 2.58
N GLU A 30 -6.36 4.30 2.55
CA GLU A 30 -5.03 4.86 2.72
C GLU A 30 -4.30 4.17 3.87
N SER A 31 -4.82 4.38 5.07
CA SER A 31 -4.23 3.78 6.26
C SER A 31 -3.84 2.34 5.97
N VAL A 32 -4.81 1.59 5.46
CA VAL A 32 -4.58 0.18 5.15
C VAL A 32 -3.34 0.06 4.25
N GLY A 33 -3.43 0.69 3.09
CA GLY A 33 -2.33 0.65 2.14
C GLY A 33 -1.01 1.04 2.82
N LYS A 34 -1.13 1.85 3.85
CA LYS A 34 0.04 2.31 4.60
C LYS A 34 0.53 1.18 5.50
N HIS A 35 -0.43 0.56 6.17
CA HIS A 35 -0.12 -0.54 7.08
C HIS A 35 0.49 -1.71 6.28
N MET A 36 -0.02 -1.87 5.07
CA MET A 36 0.44 -2.94 4.20
C MET A 36 1.83 -2.62 3.64
N LEU A 37 2.02 -1.34 3.30
CA LEU A 37 3.29 -0.90 2.75
C LEU A 37 4.36 -0.91 3.86
N GLU A 38 4.02 -0.28 4.97
CA GLU A 38 4.93 -0.21 6.10
C GLU A 38 5.21 -1.62 6.64
N ALA A 39 4.34 -2.54 6.28
CA ALA A 39 4.48 -3.92 6.71
C ALA A 39 5.29 -4.69 5.67
N CYS A 40 5.67 -3.98 4.62
CA CYS A 40 6.46 -4.59 3.55
C CYS A 40 7.70 -3.72 3.31
N ASN A 41 7.86 -2.73 4.17
CA ASN A 41 8.99 -1.82 4.08
C ASN A 41 8.74 -0.84 2.93
N ASN A 42 7.49 -0.44 2.78
CA ASN A 42 7.11 0.49 1.74
C ASN A 42 7.25 -0.19 0.38
N ASN A 43 6.71 -1.40 0.30
CA ASN A 43 6.78 -2.17 -0.94
C ASN A 43 5.35 -2.48 -1.41
N LEU A 44 4.94 -1.77 -2.46
CA LEU A 44 3.62 -1.95 -3.01
C LEU A 44 3.49 -3.38 -3.54
N GLU A 45 4.49 -3.79 -4.30
CA GLU A 45 4.51 -5.13 -4.88
C GLU A 45 4.19 -6.17 -3.80
N MET A 46 5.00 -6.17 -2.76
CA MET A 46 4.81 -7.10 -1.66
C MET A 46 3.49 -6.84 -0.94
N ALA A 47 3.23 -5.57 -0.69
CA ALA A 47 2.01 -5.17 -0.02
C ALA A 47 0.81 -5.78 -0.75
N VAL A 48 0.83 -5.65 -2.07
CA VAL A 48 -0.25 -6.17 -2.89
C VAL A 48 -0.31 -7.69 -2.74
N THR A 49 0.80 -8.33 -3.06
CA THR A 49 0.89 -9.78 -2.97
C THR A 49 0.50 -10.24 -1.56
N MET A 50 0.90 -9.44 -0.58
CA MET A 50 0.60 -9.75 0.81
C MET A 50 -0.90 -9.61 1.10
N PHE A 51 -1.42 -8.43 0.80
CA PHE A 51 -2.83 -8.16 1.01
C PHE A 51 -3.71 -9.06 0.15
N LEU A 52 -3.40 -9.05 -1.15
CA LEU A 52 -4.15 -9.86 -2.09
C LEU A 52 -4.26 -11.29 -1.56
N ASP A 53 -3.11 -11.86 -1.24
CA ASP A 53 -3.07 -13.22 -0.73
C ASP A 53 -3.39 -13.20 0.77
N GLY A 54 -4.55 -12.61 1.08
CA GLY A 54 -4.99 -12.52 2.46
C GLY A 54 -5.40 -13.90 2.99
N GLY A 55 -4.44 -14.81 2.96
CA GLY A 55 -4.68 -16.17 3.43
C GLY A 55 -5.99 -16.73 2.86
N GLY A 56 -5.84 -17.50 1.79
CA GLY A 56 -6.99 -18.10 1.14
C GLY A 56 -6.56 -19.24 0.20
N SER A 57 -7.56 -19.82 -0.46
CA SER A 57 -7.29 -20.92 -1.38
C SER A 57 -8.59 -21.37 -2.04
N GLY A 58 -9.51 -21.84 -1.20
CA GLY A 58 -10.80 -22.30 -1.69
C GLY A 58 -10.81 -23.82 -1.84
N PRO A 59 -11.60 -24.30 -2.84
CA PRO A 59 -11.70 -25.73 -3.10
C PRO A 59 -10.45 -26.25 -3.79
N SER A 60 -10.20 -27.54 -3.59
CA SER A 60 -9.04 -28.17 -4.18
C SER A 60 -9.46 -28.99 -5.41
N SER A 61 -8.79 -28.73 -6.52
CA SER A 61 -9.08 -29.43 -7.75
C SER A 61 -7.78 -29.97 -8.37
N GLY A 62 -7.74 -31.29 -8.51
CA GLY A 62 -6.57 -31.94 -9.09
C GLY A 62 -6.00 -31.11 -10.23
N GLY A 1 29.79 1.17 -11.70
CA GLY A 1 28.46 0.79 -11.27
C GLY A 1 28.04 1.58 -10.03
N SER A 2 28.52 1.13 -8.88
CA SER A 2 28.21 1.78 -7.62
C SER A 2 28.24 3.31 -7.80
N SER A 3 27.06 3.90 -7.74
CA SER A 3 26.94 5.34 -7.89
C SER A 3 27.08 6.03 -6.54
N GLY A 4 26.19 5.65 -5.62
CA GLY A 4 26.20 6.22 -4.29
C GLY A 4 24.78 6.54 -3.82
N SER A 5 24.26 5.70 -2.94
CA SER A 5 22.93 5.90 -2.41
C SER A 5 22.71 4.98 -1.20
N SER A 6 23.11 5.50 -0.04
CA SER A 6 22.96 4.75 1.20
C SER A 6 22.00 5.48 2.13
N GLY A 7 21.54 4.75 3.15
CA GLY A 7 20.62 5.32 4.12
C GLY A 7 19.19 5.35 3.57
N GLY A 8 18.38 6.22 4.17
CA GLY A 8 17.00 6.36 3.75
C GLY A 8 16.30 7.47 4.54
N SER A 9 15.07 7.74 4.15
CA SER A 9 14.29 8.78 4.80
C SER A 9 12.80 8.62 4.44
N ALA A 10 12.08 7.96 5.33
CA ALA A 10 10.66 7.73 5.12
C ALA A 10 9.91 9.07 5.24
N ALA A 11 9.27 9.44 4.14
CA ALA A 11 8.52 10.69 4.10
C ALA A 11 7.03 10.37 3.99
N SER A 12 6.28 11.36 3.54
CA SER A 12 4.84 11.21 3.38
C SER A 12 4.47 11.21 1.89
N SER A 13 4.72 12.35 1.26
CA SER A 13 4.41 12.50 -0.16
C SER A 13 4.86 11.25 -0.92
N ALA A 14 5.94 10.66 -0.44
CA ALA A 14 6.49 9.47 -1.06
C ALA A 14 5.60 8.27 -0.71
N LEU A 15 5.57 7.97 0.59
CA LEU A 15 4.77 6.85 1.07
C LEU A 15 3.39 6.89 0.42
N LYS A 16 2.71 8.01 0.61
CA LYS A 16 1.38 8.18 0.05
C LYS A 16 1.39 7.76 -1.42
N GLY A 17 2.27 8.40 -2.18
CA GLY A 17 2.39 8.09 -3.59
C GLY A 17 2.24 6.59 -3.85
N LEU A 18 2.70 5.82 -2.88
CA LEU A 18 2.63 4.36 -2.98
C LEU A 18 1.25 3.89 -2.51
N ILE A 19 0.85 4.40 -1.35
CA ILE A 19 -0.44 4.03 -0.79
C ILE A 19 -1.51 4.15 -1.86
N GLN A 20 -1.52 5.29 -2.54
CA GLN A 20 -2.49 5.53 -3.59
C GLN A 20 -2.51 4.35 -4.57
N GLN A 21 -1.32 3.89 -4.92
CA GLN A 21 -1.18 2.78 -5.84
C GLN A 21 -1.86 1.53 -5.28
N PHE A 22 -1.66 1.33 -3.99
CA PHE A 22 -2.25 0.18 -3.32
C PHE A 22 -3.76 0.34 -3.17
N THR A 23 -4.16 1.44 -2.56
CA THR A 23 -5.57 1.73 -2.36
C THR A 23 -6.32 1.66 -3.69
N THR A 24 -5.58 1.85 -4.77
CA THR A 24 -6.16 1.81 -6.10
C THR A 24 -6.09 0.39 -6.67
N ILE A 25 -4.90 -0.19 -6.58
CA ILE A 25 -4.69 -1.54 -7.09
C ILE A 25 -5.58 -2.52 -6.30
N THR A 26 -5.34 -2.57 -5.01
CA THR A 26 -6.11 -3.45 -4.14
C THR A 26 -7.54 -2.94 -3.99
N GLY A 27 -7.65 -1.71 -3.54
CA GLY A 27 -8.96 -1.08 -3.35
C GLY A 27 -9.22 -0.80 -1.87
N ALA A 28 -8.19 -1.05 -1.06
CA ALA A 28 -8.30 -0.83 0.38
C ALA A 28 -8.32 0.68 0.65
N SER A 29 -8.01 1.02 1.89
CA SER A 29 -7.98 2.41 2.30
C SER A 29 -6.54 2.86 2.54
N GLU A 30 -6.34 4.17 2.50
CA GLU A 30 -5.02 4.74 2.70
C GLU A 30 -4.35 4.10 3.92
N SER A 31 -4.95 4.35 5.08
CA SER A 31 -4.44 3.80 6.32
C SER A 31 -4.01 2.35 6.11
N VAL A 32 -4.85 1.60 5.42
CA VAL A 32 -4.56 0.20 5.15
C VAL A 32 -3.34 0.11 4.23
N GLY A 33 -3.44 0.79 3.10
CA GLY A 33 -2.34 0.79 2.13
C GLY A 33 -1.04 1.25 2.78
N LYS A 34 -1.18 1.93 3.90
CA LYS A 34 -0.02 2.42 4.62
C LYS A 34 0.50 1.34 5.57
N HIS A 35 -0.44 0.59 6.14
CA HIS A 35 -0.10 -0.48 7.05
C HIS A 35 0.49 -1.65 6.27
N MET A 36 -0.03 -1.85 5.07
CA MET A 36 0.42 -2.94 4.22
C MET A 36 1.81 -2.62 3.64
N LEU A 37 2.02 -1.35 3.35
CA LEU A 37 3.28 -0.91 2.79
C LEU A 37 4.35 -0.94 3.89
N GLU A 38 4.03 -0.34 5.01
CA GLU A 38 4.94 -0.29 6.14
C GLU A 38 5.23 -1.71 6.65
N ALA A 39 4.33 -2.62 6.30
CA ALA A 39 4.47 -4.01 6.70
C ALA A 39 5.29 -4.76 5.65
N CYS A 40 5.67 -4.04 4.62
CA CYS A 40 6.45 -4.63 3.54
C CYS A 40 7.57 -3.66 3.17
N ASN A 41 8.12 -3.01 4.19
CA ASN A 41 9.19 -2.05 3.98
C ASN A 41 8.81 -1.11 2.84
N ASN A 42 7.60 -0.57 2.94
CA ASN A 42 7.11 0.35 1.94
C ASN A 42 7.29 -0.26 0.56
N ASN A 43 6.65 -1.42 0.36
CA ASN A 43 6.74 -2.12 -0.91
C ASN A 43 5.33 -2.43 -1.41
N LEU A 44 4.92 -1.70 -2.44
CA LEU A 44 3.60 -1.90 -3.02
C LEU A 44 3.47 -3.33 -3.52
N GLU A 45 4.38 -3.70 -4.42
CA GLU A 45 4.37 -5.03 -5.00
C GLU A 45 4.12 -6.07 -3.90
N MET A 46 4.98 -6.04 -2.90
CA MET A 46 4.86 -6.97 -1.78
C MET A 46 3.52 -6.80 -1.06
N ALA A 47 3.27 -5.56 -0.64
CA ALA A 47 2.03 -5.25 0.05
C ALA A 47 0.85 -5.87 -0.70
N VAL A 48 0.75 -5.54 -1.97
CA VAL A 48 -0.32 -6.06 -2.80
C VAL A 48 -0.33 -7.58 -2.73
N THR A 49 0.81 -8.16 -3.08
CA THR A 49 0.95 -9.61 -3.05
C THR A 49 0.58 -10.16 -1.68
N MET A 50 0.88 -9.36 -0.67
CA MET A 50 0.58 -9.76 0.70
C MET A 50 -0.92 -9.63 1.00
N PHE A 51 -1.42 -8.42 0.79
CA PHE A 51 -2.83 -8.15 1.03
C PHE A 51 -3.72 -9.03 0.15
N LEU A 52 -3.38 -9.06 -1.13
CA LEU A 52 -4.13 -9.86 -2.09
C LEU A 52 -4.25 -11.29 -1.57
N ASP A 53 -3.12 -11.82 -1.14
CA ASP A 53 -3.08 -13.18 -0.63
C ASP A 53 -3.36 -13.16 0.88
N GLY A 54 -4.55 -12.66 1.21
CA GLY A 54 -4.97 -12.57 2.60
C GLY A 54 -3.86 -11.96 3.46
N GLY A 55 -3.72 -10.65 3.36
CA GLY A 55 -2.71 -9.94 4.12
C GLY A 55 -3.35 -8.88 5.03
N GLY A 56 -2.96 -8.93 6.29
CA GLY A 56 -3.49 -7.99 7.27
C GLY A 56 -3.42 -8.57 8.67
N SER A 57 -2.25 -8.43 9.28
CA SER A 57 -2.05 -8.93 10.63
C SER A 57 -0.89 -8.18 11.30
N GLY A 58 -1.25 -7.32 12.24
CA GLY A 58 -0.27 -6.54 12.96
C GLY A 58 -0.60 -6.46 14.45
N PRO A 59 0.37 -5.92 15.23
CA PRO A 59 0.19 -5.80 16.67
C PRO A 59 -0.77 -4.66 17.01
N SER A 60 -0.63 -3.56 16.27
CA SER A 60 -1.46 -2.40 16.48
C SER A 60 -1.10 -1.72 17.81
N SER A 61 -1.24 -2.48 18.88
CA SER A 61 -0.93 -1.97 20.20
C SER A 61 -1.03 -3.09 21.24
N GLY A 62 -2.22 -3.68 21.30
CA GLY A 62 -2.45 -4.76 22.25
C GLY A 62 -1.87 -6.08 21.72
N GLY A 1 3.21 -5.26 26.61
CA GLY A 1 3.79 -6.19 25.64
C GLY A 1 3.72 -5.63 24.23
N SER A 2 3.38 -6.50 23.29
CA SER A 2 3.28 -6.11 21.90
C SER A 2 4.63 -5.61 21.40
N SER A 3 5.43 -6.54 20.89
CA SER A 3 6.75 -6.21 20.38
C SER A 3 6.65 -5.77 18.92
N GLY A 4 7.45 -4.78 18.59
CA GLY A 4 7.46 -4.26 17.23
C GLY A 4 7.64 -2.73 17.22
N SER A 5 7.40 -2.15 16.06
CA SER A 5 7.52 -0.71 15.91
C SER A 5 8.97 -0.28 16.16
N SER A 6 9.77 -0.39 15.11
CA SER A 6 11.17 -0.02 15.19
C SER A 6 11.60 0.70 13.91
N GLY A 7 11.53 2.02 13.96
CA GLY A 7 11.90 2.83 12.80
C GLY A 7 10.91 2.66 11.66
N GLY A 8 11.37 2.99 10.47
CA GLY A 8 10.53 2.88 9.28
C GLY A 8 11.20 3.53 8.07
N SER A 9 10.39 4.26 7.32
CA SER A 9 10.90 4.95 6.14
C SER A 9 10.91 6.47 6.37
N ALA A 10 12.01 7.08 5.96
CA ALA A 10 12.17 8.52 6.11
C ALA A 10 11.25 9.23 5.12
N ALA A 11 11.45 8.90 3.85
CA ALA A 11 10.65 9.51 2.79
C ALA A 11 9.17 9.47 3.19
N SER A 12 8.43 10.42 2.63
CA SER A 12 7.00 10.52 2.92
C SER A 12 6.20 10.36 1.63
N SER A 13 6.56 11.17 0.65
CA SER A 13 5.88 11.14 -0.63
C SER A 13 5.72 9.69 -1.11
N ALA A 14 6.85 9.01 -1.22
CA ALA A 14 6.85 7.63 -1.65
C ALA A 14 5.69 6.89 -0.98
N LEU A 15 5.72 6.89 0.34
CA LEU A 15 4.69 6.22 1.12
C LEU A 15 3.33 6.50 0.49
N LYS A 16 2.94 7.77 0.52
CA LYS A 16 1.68 8.19 -0.05
C LYS A 16 1.57 7.68 -1.49
N GLY A 17 2.48 8.16 -2.33
CA GLY A 17 2.50 7.76 -3.72
C GLY A 17 2.15 6.28 -3.87
N LEU A 18 2.79 5.46 -3.06
CA LEU A 18 2.55 4.03 -3.10
C LEU A 18 1.14 3.74 -2.58
N ILE A 19 0.85 4.27 -1.40
CA ILE A 19 -0.45 4.07 -0.78
C ILE A 19 -1.53 4.16 -1.86
N GLN A 20 -1.46 5.24 -2.63
CA GLN A 20 -2.42 5.45 -3.69
C GLN A 20 -2.49 4.24 -4.61
N GLN A 21 -1.32 3.81 -5.07
CA GLN A 21 -1.23 2.66 -5.95
C GLN A 21 -1.94 1.46 -5.33
N PHE A 22 -1.74 1.30 -4.04
CA PHE A 22 -2.35 0.20 -3.31
C PHE A 22 -3.86 0.41 -3.17
N THR A 23 -4.22 1.56 -2.62
CA THR A 23 -5.62 1.90 -2.43
C THR A 23 -6.37 1.87 -3.76
N THR A 24 -5.59 1.96 -4.83
CA THR A 24 -6.17 1.96 -6.17
C THR A 24 -6.20 0.52 -6.73
N ILE A 25 -5.04 -0.12 -6.69
CA ILE A 25 -4.91 -1.48 -7.18
C ILE A 25 -5.85 -2.38 -6.38
N THR A 26 -5.56 -2.50 -5.09
CA THR A 26 -6.36 -3.32 -4.22
C THR A 26 -7.77 -2.73 -4.05
N GLY A 27 -7.80 -1.51 -3.54
CA GLY A 27 -9.06 -0.82 -3.33
C GLY A 27 -9.32 -0.59 -1.85
N ALA A 28 -8.26 -0.72 -1.07
CA ALA A 28 -8.35 -0.53 0.37
C ALA A 28 -8.19 0.96 0.69
N SER A 29 -8.30 1.27 1.98
CA SER A 29 -8.17 2.64 2.43
C SER A 29 -6.69 3.02 2.56
N GLU A 30 -6.44 4.31 2.67
CA GLU A 30 -5.09 4.81 2.80
C GLU A 30 -4.38 4.13 3.97
N SER A 31 -4.90 4.36 5.16
CA SER A 31 -4.32 3.78 6.37
C SER A 31 -3.93 2.32 6.10
N VAL A 32 -4.85 1.60 5.48
CA VAL A 32 -4.61 0.20 5.16
C VAL A 32 -3.38 0.09 4.25
N GLY A 33 -3.45 0.81 3.13
CA GLY A 33 -2.36 0.80 2.17
C GLY A 33 -1.04 1.16 2.84
N LYS A 34 -1.15 1.82 3.98
CA LYS A 34 0.02 2.24 4.73
C LYS A 34 0.50 1.08 5.61
N HIS A 35 -0.44 0.49 6.33
CA HIS A 35 -0.14 -0.62 7.21
C HIS A 35 0.47 -1.76 6.39
N MET A 36 -0.02 -1.90 5.17
CA MET A 36 0.46 -2.94 4.28
C MET A 36 1.86 -2.60 3.74
N LEU A 37 2.06 -1.31 3.49
CA LEU A 37 3.34 -0.84 2.98
C LEU A 37 4.36 -0.82 4.11
N GLU A 38 3.95 -0.22 5.22
CA GLU A 38 4.82 -0.11 6.38
C GLU A 38 5.16 -1.51 6.92
N ALA A 39 4.38 -2.48 6.47
CA ALA A 39 4.59 -3.86 6.90
C ALA A 39 5.29 -4.63 5.77
N CYS A 40 5.75 -3.88 4.78
CA CYS A 40 6.43 -4.48 3.64
C CYS A 40 7.56 -3.54 3.21
N ASN A 41 8.24 -2.99 4.21
CA ASN A 41 9.34 -2.08 3.96
C ASN A 41 8.91 -1.05 2.91
N ASN A 42 7.66 -0.64 3.02
CA ASN A 42 7.10 0.35 2.09
C ASN A 42 7.26 -0.17 0.67
N ASN A 43 6.68 -1.33 0.42
CA ASN A 43 6.75 -1.94 -0.89
C ASN A 43 5.33 -2.26 -1.38
N LEU A 44 4.97 -1.69 -2.51
CA LEU A 44 3.65 -1.90 -3.08
C LEU A 44 3.54 -3.35 -3.55
N GLU A 45 4.35 -3.68 -4.54
CA GLU A 45 4.35 -5.03 -5.10
C GLU A 45 4.16 -6.05 -3.99
N MET A 46 4.97 -5.92 -2.94
CA MET A 46 4.89 -6.82 -1.81
C MET A 46 3.57 -6.68 -1.07
N ALA A 47 3.28 -5.44 -0.69
CA ALA A 47 2.04 -5.15 0.02
C ALA A 47 0.86 -5.79 -0.72
N VAL A 48 0.82 -5.52 -2.02
CA VAL A 48 -0.25 -6.06 -2.85
C VAL A 48 -0.25 -7.59 -2.75
N THR A 49 0.90 -8.17 -3.08
CA THR A 49 1.05 -9.61 -3.03
C THR A 49 0.67 -10.14 -1.65
N MET A 50 0.94 -9.32 -0.65
CA MET A 50 0.64 -9.69 0.73
C MET A 50 -0.86 -9.57 1.02
N PHE A 51 -1.39 -8.39 0.76
CA PHE A 51 -2.80 -8.13 0.97
C PHE A 51 -3.66 -9.03 0.09
N LEU A 52 -3.35 -9.01 -1.20
CA LEU A 52 -4.09 -9.81 -2.16
C LEU A 52 -4.22 -11.24 -1.63
N ASP A 53 -3.07 -11.89 -1.49
CA ASP A 53 -3.04 -13.26 -0.99
C ASP A 53 -3.98 -13.38 0.20
N GLY A 54 -3.79 -12.48 1.15
CA GLY A 54 -4.62 -12.48 2.35
C GLY A 54 -5.70 -11.40 2.28
N GLY A 55 -6.69 -11.66 1.44
CA GLY A 55 -7.80 -10.72 1.27
C GLY A 55 -8.93 -11.36 0.48
N GLY A 56 -8.85 -11.23 -0.84
CA GLY A 56 -9.86 -11.78 -1.71
C GLY A 56 -11.13 -10.91 -1.70
N SER A 57 -11.74 -10.83 -0.53
CA SER A 57 -12.95 -10.04 -0.37
C SER A 57 -14.12 -10.75 -1.04
N GLY A 58 -13.98 -10.96 -2.35
CA GLY A 58 -15.02 -11.63 -3.11
C GLY A 58 -14.75 -11.52 -4.61
N PRO A 59 -14.15 -12.60 -5.17
CA PRO A 59 -13.83 -12.63 -6.58
C PRO A 59 -15.09 -12.85 -7.42
N SER A 60 -15.87 -13.84 -7.02
CA SER A 60 -17.10 -14.16 -7.73
C SER A 60 -16.78 -14.77 -9.09
N SER A 61 -16.09 -13.99 -9.91
CA SER A 61 -15.71 -14.43 -11.23
C SER A 61 -16.97 -14.68 -12.08
N GLY A 62 -17.34 -13.66 -12.84
CA GLY A 62 -18.51 -13.75 -13.70
C GLY A 62 -19.70 -14.30 -12.92
N GLY A 1 -5.85 19.00 -1.78
CA GLY A 1 -5.48 17.65 -2.15
C GLY A 1 -5.72 16.69 -0.98
N SER A 2 -5.66 15.40 -1.31
CA SER A 2 -5.87 14.37 -0.30
C SER A 2 -4.76 14.43 0.76
N SER A 3 -5.14 14.91 1.92
CA SER A 3 -4.19 15.03 3.02
C SER A 3 -2.92 15.74 2.54
N GLY A 4 -2.93 17.05 2.65
CA GLY A 4 -1.79 17.85 2.23
C GLY A 4 -0.59 17.64 3.17
N SER A 5 0.34 18.58 3.11
CA SER A 5 1.52 18.51 3.94
C SER A 5 2.32 19.80 3.83
N SER A 6 2.44 20.28 2.59
CA SER A 6 3.17 21.51 2.32
C SER A 6 4.52 21.48 3.04
N GLY A 7 5.49 20.84 2.39
CA GLY A 7 6.82 20.73 2.95
C GLY A 7 7.29 19.27 2.96
N GLY A 8 7.71 18.80 1.81
CA GLY A 8 8.19 17.44 1.67
C GLY A 8 9.33 17.15 2.65
N SER A 9 9.08 16.23 3.56
CA SER A 9 10.06 15.86 4.56
C SER A 9 9.81 14.43 5.05
N ALA A 10 10.90 13.70 5.21
CA ALA A 10 10.80 12.32 5.67
C ALA A 10 9.94 11.52 4.70
N ALA A 11 9.84 10.22 4.98
CA ALA A 11 9.05 9.34 4.14
C ALA A 11 7.58 9.76 4.20
N SER A 12 7.12 10.38 3.13
CA SER A 12 5.74 10.83 3.05
C SER A 12 5.24 10.73 1.62
N SER A 13 5.96 11.40 0.72
CA SER A 13 5.59 11.39 -0.68
C SER A 13 5.59 9.97 -1.22
N ALA A 14 6.74 9.31 -1.06
CA ALA A 14 6.89 7.94 -1.53
C ALA A 14 5.78 7.08 -0.92
N LEU A 15 5.69 7.16 0.40
CA LEU A 15 4.68 6.39 1.13
C LEU A 15 3.31 6.62 0.48
N LYS A 16 2.86 7.86 0.56
CA LYS A 16 1.57 8.23 0.00
C LYS A 16 1.49 7.73 -1.44
N GLY A 17 2.43 8.21 -2.25
CA GLY A 17 2.46 7.82 -3.65
C GLY A 17 2.14 6.34 -3.83
N LEU A 18 2.83 5.52 -3.05
CA LEU A 18 2.62 4.08 -3.10
C LEU A 18 1.21 3.75 -2.60
N ILE A 19 0.92 4.27 -1.42
CA ILE A 19 -0.38 4.05 -0.81
C ILE A 19 -1.47 4.13 -1.89
N GLN A 20 -1.45 5.23 -2.63
CA GLN A 20 -2.41 5.43 -3.69
C GLN A 20 -2.46 4.22 -4.61
N GLN A 21 -1.29 3.81 -5.08
CA GLN A 21 -1.17 2.67 -5.96
C GLN A 21 -1.89 1.46 -5.35
N PHE A 22 -1.69 1.30 -4.05
CA PHE A 22 -2.30 0.18 -3.34
C PHE A 22 -3.81 0.38 -3.20
N THR A 23 -4.17 1.52 -2.60
CA THR A 23 -5.57 1.84 -2.40
C THR A 23 -6.33 1.78 -3.73
N THR A 24 -5.57 1.90 -4.81
CA THR A 24 -6.16 1.87 -6.13
C THR A 24 -6.15 0.44 -6.69
N ILE A 25 -4.97 -0.18 -6.63
CA ILE A 25 -4.82 -1.54 -7.11
C ILE A 25 -5.73 -2.47 -6.31
N THR A 26 -5.49 -2.52 -5.01
CA THR A 26 -6.28 -3.36 -4.13
C THR A 26 -7.70 -2.79 -3.98
N GLY A 27 -7.76 -1.57 -3.46
CA GLY A 27 -9.04 -0.91 -3.26
C GLY A 27 -9.30 -0.66 -1.78
N ALA A 28 -8.25 -0.82 -0.98
CA ALA A 28 -8.36 -0.62 0.45
C ALA A 28 -8.22 0.87 0.76
N SER A 29 -8.25 1.18 2.04
CA SER A 29 -8.14 2.57 2.48
C SER A 29 -6.67 2.96 2.62
N GLU A 30 -6.43 4.25 2.64
CA GLU A 30 -5.07 4.76 2.77
C GLU A 30 -4.37 4.10 3.96
N SER A 31 -4.92 4.33 5.14
CA SER A 31 -4.36 3.78 6.35
C SER A 31 -3.97 2.32 6.12
N VAL A 32 -4.88 1.59 5.49
CA VAL A 32 -4.63 0.18 5.20
C VAL A 32 -3.39 0.05 4.31
N GLY A 33 -3.46 0.69 3.16
CA GLY A 33 -2.35 0.66 2.22
C GLY A 33 -1.04 1.05 2.90
N LYS A 34 -1.18 1.85 3.95
CA LYS A 34 -0.01 2.31 4.70
C LYS A 34 0.48 1.18 5.61
N HIS A 35 -0.47 0.55 6.28
CA HIS A 35 -0.14 -0.54 7.18
C HIS A 35 0.47 -1.70 6.39
N MET A 36 -0.03 -1.87 5.17
CA MET A 36 0.46 -2.93 4.31
C MET A 36 1.84 -2.59 3.76
N LEU A 37 2.03 -1.32 3.45
CA LEU A 37 3.31 -0.85 2.91
C LEU A 37 4.35 -0.85 4.04
N GLU A 38 3.98 -0.22 5.14
CA GLU A 38 4.87 -0.13 6.29
C GLU A 38 5.20 -1.53 6.81
N ALA A 39 4.36 -2.48 6.44
CA ALA A 39 4.55 -3.85 6.85
C ALA A 39 5.25 -4.63 5.74
N CYS A 40 5.74 -3.90 4.75
CA CYS A 40 6.42 -4.49 3.62
C CYS A 40 7.55 -3.56 3.19
N ASN A 41 8.20 -2.97 4.19
CA ASN A 41 9.30 -2.06 3.93
C ASN A 41 8.86 -1.03 2.87
N ASN A 42 7.61 -0.60 2.99
CA ASN A 42 7.07 0.36 2.06
C ASN A 42 7.22 -0.15 0.63
N ASN A 43 6.64 -1.32 0.39
CA ASN A 43 6.71 -1.93 -0.92
C ASN A 43 5.29 -2.27 -1.40
N LEU A 44 4.91 -1.66 -2.51
CA LEU A 44 3.58 -1.89 -3.07
C LEU A 44 3.49 -3.34 -3.56
N GLU A 45 4.32 -3.65 -4.53
CA GLU A 45 4.33 -5.00 -5.10
C GLU A 45 4.14 -6.04 -3.99
N MET A 46 4.95 -5.91 -2.95
CA MET A 46 4.87 -6.83 -1.82
C MET A 46 3.55 -6.68 -1.09
N ALA A 47 3.27 -5.45 -0.66
CA ALA A 47 2.04 -5.16 0.06
C ALA A 47 0.86 -5.78 -0.69
N VAL A 48 0.78 -5.44 -1.97
CA VAL A 48 -0.29 -5.96 -2.80
C VAL A 48 -0.30 -7.49 -2.74
N THR A 49 0.84 -8.07 -3.09
CA THR A 49 0.97 -9.52 -3.07
C THR A 49 0.60 -10.07 -1.69
N MET A 50 0.90 -9.27 -0.67
CA MET A 50 0.61 -9.68 0.69
C MET A 50 -0.88 -9.57 0.99
N PHE A 51 -1.41 -8.38 0.78
CA PHE A 51 -2.82 -8.12 1.02
C PHE A 51 -3.69 -9.00 0.12
N LEU A 52 -3.37 -8.98 -1.17
CA LEU A 52 -4.12 -9.77 -2.14
C LEU A 52 -4.20 -11.23 -1.65
N ASP A 53 -3.02 -11.77 -1.32
CA ASP A 53 -2.95 -13.14 -0.84
C ASP A 53 -3.21 -13.16 0.66
N GLY A 54 -4.38 -12.67 1.04
CA GLY A 54 -4.76 -12.64 2.44
C GLY A 54 -5.19 -14.02 2.93
N GLY A 55 -4.29 -14.98 2.75
CA GLY A 55 -4.56 -16.35 3.17
C GLY A 55 -4.12 -17.34 2.09
N GLY A 56 -4.88 -18.43 2.00
CA GLY A 56 -4.60 -19.46 1.02
C GLY A 56 -5.80 -19.72 0.12
N SER A 57 -6.18 -18.68 -0.62
CA SER A 57 -7.32 -18.78 -1.52
C SER A 57 -7.35 -17.56 -2.45
N GLY A 58 -7.04 -17.81 -3.71
CA GLY A 58 -7.04 -16.74 -4.70
C GLY A 58 -6.63 -17.27 -6.08
N PRO A 59 -6.90 -16.45 -7.12
CA PRO A 59 -6.55 -16.82 -8.48
C PRO A 59 -5.05 -16.69 -8.73
N SER A 60 -4.64 -17.17 -9.89
CA SER A 60 -3.23 -17.12 -10.26
C SER A 60 -2.38 -17.78 -9.16
N SER A 61 -2.27 -19.10 -9.25
CA SER A 61 -1.50 -19.84 -8.28
C SER A 61 -2.06 -19.64 -6.87
N GLY A 62 -2.99 -20.50 -6.51
CA GLY A 62 -3.62 -20.43 -5.20
C GLY A 62 -4.53 -21.63 -4.96
N GLY A 1 0.42 12.90 -12.95
CA GLY A 1 1.84 12.61 -12.84
C GLY A 1 2.22 11.37 -13.66
N SER A 2 3.49 11.30 -14.03
CA SER A 2 3.99 10.17 -14.80
C SER A 2 5.31 9.69 -14.22
N SER A 3 5.28 8.46 -13.71
CA SER A 3 6.47 7.87 -13.12
C SER A 3 6.78 6.53 -13.82
N GLY A 4 8.01 6.07 -13.60
CA GLY A 4 8.44 4.81 -14.19
C GLY A 4 8.85 3.81 -13.11
N SER A 5 7.84 3.25 -12.45
CA SER A 5 8.09 2.28 -11.40
C SER A 5 8.89 2.93 -10.27
N SER A 6 8.17 3.40 -9.26
CA SER A 6 8.78 4.04 -8.12
C SER A 6 9.75 5.13 -8.59
N GLY A 7 9.19 6.31 -8.82
CA GLY A 7 9.98 7.44 -9.28
C GLY A 7 10.60 8.19 -8.10
N GLY A 8 10.41 9.49 -8.10
CA GLY A 8 10.94 10.33 -7.05
C GLY A 8 10.53 9.80 -5.66
N SER A 9 11.10 10.40 -4.64
CA SER A 9 10.81 10.01 -3.27
C SER A 9 11.51 10.94 -2.29
N ALA A 10 10.80 11.28 -1.23
CA ALA A 10 11.35 12.16 -0.21
C ALA A 10 11.35 11.43 1.14
N ALA A 11 10.15 11.09 1.59
CA ALA A 11 10.01 10.39 2.85
C ALA A 11 8.53 10.06 3.07
N SER A 12 7.71 11.09 3.08
CA SER A 12 6.28 10.92 3.27
C SER A 12 5.58 10.83 1.92
N SER A 13 5.78 11.85 1.11
CA SER A 13 5.17 11.90 -0.21
C SER A 13 5.26 10.52 -0.87
N ALA A 14 6.48 10.04 -1.01
CA ALA A 14 6.71 8.74 -1.62
C ALA A 14 5.71 7.72 -1.05
N LEU A 15 5.74 7.60 0.27
CA LEU A 15 4.85 6.67 0.95
C LEU A 15 3.44 6.81 0.36
N LYS A 16 2.87 7.99 0.55
CA LYS A 16 1.54 8.26 0.04
C LYS A 16 1.44 7.80 -1.42
N GLY A 17 2.27 8.40 -2.25
CA GLY A 17 2.29 8.06 -3.67
C GLY A 17 2.09 6.55 -3.87
N LEU A 18 2.74 5.78 -3.00
CA LEU A 18 2.64 4.34 -3.07
C LEU A 18 1.25 3.90 -2.61
N ILE A 19 0.91 4.30 -1.40
CA ILE A 19 -0.38 3.96 -0.83
C ILE A 19 -1.46 4.05 -1.92
N GLN A 20 -1.50 5.22 -2.55
CA GLN A 20 -2.48 5.44 -3.61
C GLN A 20 -2.51 4.25 -4.56
N GLN A 21 -1.34 3.86 -5.01
CA GLN A 21 -1.22 2.73 -5.93
C GLN A 21 -1.92 1.50 -5.34
N PHE A 22 -1.70 1.29 -4.05
CA PHE A 22 -2.30 0.16 -3.37
C PHE A 22 -3.81 0.32 -3.26
N THR A 23 -4.21 1.41 -2.63
CA THR A 23 -5.62 1.70 -2.45
C THR A 23 -6.34 1.68 -3.79
N THR A 24 -5.56 1.83 -4.86
CA THR A 24 -6.12 1.82 -6.20
C THR A 24 -6.10 0.41 -6.78
N ILE A 25 -4.96 -0.24 -6.65
CA ILE A 25 -4.81 -1.60 -7.15
C ILE A 25 -5.69 -2.54 -6.34
N THR A 26 -5.38 -2.66 -5.06
CA THR A 26 -6.14 -3.52 -4.17
C THR A 26 -7.55 -2.97 -3.98
N GLY A 27 -7.62 -1.75 -3.47
CA GLY A 27 -8.90 -1.11 -3.24
C GLY A 27 -9.11 -0.85 -1.75
N ALA A 28 -8.02 -0.93 -1.00
CA ALA A 28 -8.07 -0.71 0.43
C ALA A 28 -8.00 0.79 0.72
N SER A 29 -8.09 1.13 2.00
CA SER A 29 -8.03 2.52 2.41
C SER A 29 -6.57 2.95 2.57
N GLU A 30 -6.38 4.26 2.66
CA GLU A 30 -5.05 4.81 2.81
C GLU A 30 -4.34 4.15 4.00
N SER A 31 -4.88 4.37 5.18
CA SER A 31 -4.31 3.81 6.39
C SER A 31 -3.93 2.35 6.16
N VAL A 32 -4.79 1.65 5.44
CA VAL A 32 -4.56 0.26 5.14
C VAL A 32 -3.35 0.14 4.20
N GLY A 33 -3.43 0.85 3.10
CA GLY A 33 -2.36 0.84 2.12
C GLY A 33 -1.02 1.20 2.76
N LYS A 34 -1.11 1.85 3.91
CA LYS A 34 0.08 2.25 4.64
C LYS A 34 0.54 1.10 5.53
N HIS A 35 -0.41 0.55 6.27
CA HIS A 35 -0.11 -0.55 7.17
C HIS A 35 0.50 -1.71 6.39
N MET A 36 0.02 -1.87 5.15
CA MET A 36 0.51 -2.93 4.29
C MET A 36 1.91 -2.61 3.77
N LEU A 37 2.08 -1.35 3.38
CA LEU A 37 3.37 -0.90 2.86
C LEU A 37 4.40 -0.88 3.99
N GLU A 38 3.96 -0.37 5.14
CA GLU A 38 4.83 -0.30 6.30
C GLU A 38 5.20 -1.70 6.79
N ALA A 39 4.43 -2.67 6.32
CA ALA A 39 4.67 -4.05 6.69
C ALA A 39 5.34 -4.79 5.53
N CYS A 40 5.77 -4.01 4.55
CA CYS A 40 6.44 -4.56 3.39
C CYS A 40 7.58 -3.61 2.98
N ASN A 41 8.27 -3.11 4.00
CA ASN A 41 9.38 -2.20 3.77
C ASN A 41 8.96 -1.16 2.71
N ASN A 42 7.72 -0.73 2.82
CA ASN A 42 7.19 0.26 1.88
C ASN A 42 7.37 -0.26 0.45
N ASN A 43 6.77 -1.42 0.19
CA ASN A 43 6.85 -2.02 -1.13
C ASN A 43 5.44 -2.44 -1.57
N LEU A 44 4.84 -1.58 -2.38
CA LEU A 44 3.50 -1.86 -2.89
C LEU A 44 3.45 -3.28 -3.43
N GLU A 45 4.40 -3.58 -4.32
CA GLU A 45 4.47 -4.90 -4.93
C GLU A 45 4.18 -5.98 -3.89
N MET A 46 5.02 -6.00 -2.85
CA MET A 46 4.86 -6.98 -1.79
C MET A 46 3.52 -6.79 -1.07
N ALA A 47 3.27 -5.55 -0.65
CA ALA A 47 2.04 -5.23 0.05
C ALA A 47 0.86 -5.84 -0.70
N VAL A 48 0.79 -5.52 -1.98
CA VAL A 48 -0.29 -6.03 -2.82
C VAL A 48 -0.31 -7.56 -2.75
N THR A 49 0.83 -8.15 -3.10
CA THR A 49 0.95 -9.59 -3.08
C THR A 49 0.58 -10.14 -1.70
N MET A 50 0.88 -9.35 -0.68
CA MET A 50 0.58 -9.74 0.69
C MET A 50 -0.91 -9.61 0.98
N PHE A 51 -1.42 -8.40 0.76
CA PHE A 51 -2.83 -8.12 1.00
C PHE A 51 -3.72 -9.01 0.10
N LEU A 52 -3.44 -8.96 -1.19
CA LEU A 52 -4.21 -9.74 -2.14
C LEU A 52 -4.35 -11.17 -1.62
N ASP A 53 -3.22 -11.83 -1.46
CA ASP A 53 -3.23 -13.21 -0.98
C ASP A 53 -4.10 -13.29 0.28
N GLY A 54 -3.86 -12.37 1.20
CA GLY A 54 -4.61 -12.33 2.44
C GLY A 54 -5.83 -11.43 2.31
N GLY A 55 -6.71 -11.80 1.39
CA GLY A 55 -7.92 -11.03 1.15
C GLY A 55 -9.08 -11.56 2.01
N GLY A 56 -9.52 -12.77 1.69
CA GLY A 56 -10.61 -13.39 2.41
C GLY A 56 -10.08 -14.38 3.45
N SER A 57 -10.18 -13.98 4.71
CA SER A 57 -9.72 -14.81 5.80
C SER A 57 -10.22 -14.25 7.14
N GLY A 58 -10.14 -15.09 8.15
CA GLY A 58 -10.58 -14.69 9.48
C GLY A 58 -9.70 -13.58 10.04
N PRO A 59 -10.32 -12.37 10.18
CA PRO A 59 -9.61 -11.21 10.69
C PRO A 59 -9.41 -11.32 12.21
N SER A 60 -8.57 -10.44 12.72
CA SER A 60 -8.29 -10.42 14.15
C SER A 60 -9.22 -9.42 14.85
N SER A 61 -10.07 -9.97 15.71
CA SER A 61 -11.00 -9.14 16.46
C SER A 61 -11.88 -8.35 15.49
N GLY A 62 -13.04 -8.91 15.21
CA GLY A 62 -13.99 -8.26 14.30
C GLY A 62 -14.70 -7.09 14.99
N GLY A 1 -6.98 14.91 -6.90
CA GLY A 1 -6.04 15.63 -6.07
C GLY A 1 -4.97 14.68 -5.52
N SER A 2 -3.73 14.97 -5.87
CA SER A 2 -2.61 14.17 -5.42
C SER A 2 -1.28 14.78 -5.88
N SER A 3 -0.26 14.60 -5.07
CA SER A 3 1.05 15.14 -5.38
C SER A 3 2.01 14.01 -5.73
N GLY A 4 3.08 14.37 -6.42
CA GLY A 4 4.07 13.39 -6.82
C GLY A 4 5.38 13.58 -6.04
N SER A 5 5.96 12.46 -5.65
CA SER A 5 7.20 12.48 -4.89
C SER A 5 8.28 11.70 -5.65
N SER A 6 9.24 12.45 -6.17
CA SER A 6 10.34 11.85 -6.92
C SER A 6 11.63 11.93 -6.10
N GLY A 7 11.79 10.96 -5.21
CA GLY A 7 12.97 10.92 -4.37
C GLY A 7 12.73 11.64 -3.04
N GLY A 8 13.26 11.05 -1.98
CA GLY A 8 13.11 11.63 -0.65
C GLY A 8 12.84 10.53 0.39
N SER A 9 12.68 10.97 1.63
CA SER A 9 12.42 10.05 2.72
C SER A 9 10.92 9.77 2.82
N ALA A 10 10.61 8.56 3.27
CA ALA A 10 9.21 8.16 3.41
C ALA A 10 8.69 8.67 4.76
N ALA A 11 7.69 9.52 4.67
CA ALA A 11 7.08 10.08 5.87
C ALA A 11 5.56 10.07 5.72
N SER A 12 5.09 10.83 4.73
CA SER A 12 3.66 10.91 4.47
C SER A 12 3.41 10.98 2.96
N SER A 13 3.95 12.03 2.35
CA SER A 13 3.78 12.23 0.93
C SER A 13 4.31 11.01 0.16
N ALA A 14 5.60 10.76 0.33
CA ALA A 14 6.23 9.62 -0.33
C ALA A 14 5.32 8.41 -0.23
N LEU A 15 4.96 8.07 1.00
CA LEU A 15 4.09 6.93 1.24
C LEU A 15 2.83 7.07 0.39
N LYS A 16 2.19 8.22 0.50
CA LYS A 16 0.98 8.49 -0.26
C LYS A 16 1.14 7.94 -1.67
N GLY A 17 2.17 8.41 -2.35
CA GLY A 17 2.44 7.98 -3.71
C GLY A 17 2.19 6.47 -3.86
N LEU A 18 2.80 5.71 -2.97
CA LEU A 18 2.64 4.27 -3.00
C LEU A 18 1.23 3.89 -2.55
N ILE A 19 0.87 4.41 -1.38
CA ILE A 19 -0.45 4.14 -0.82
C ILE A 19 -1.48 4.19 -1.94
N GLN A 20 -1.48 5.28 -2.67
CA GLN A 20 -2.41 5.47 -3.77
C GLN A 20 -2.41 4.23 -4.68
N GLN A 21 -1.21 3.84 -5.07
CA GLN A 21 -1.05 2.68 -5.94
C GLN A 21 -1.79 1.47 -5.34
N PHE A 22 -1.62 1.30 -4.04
CA PHE A 22 -2.26 0.20 -3.35
C PHE A 22 -3.77 0.40 -3.25
N THR A 23 -4.15 1.47 -2.57
CA THR A 23 -5.56 1.79 -2.41
C THR A 23 -6.29 1.70 -3.74
N THR A 24 -5.53 1.86 -4.81
CA THR A 24 -6.08 1.80 -6.16
C THR A 24 -6.04 0.37 -6.68
N ILE A 25 -4.86 -0.22 -6.61
CA ILE A 25 -4.67 -1.59 -7.08
C ILE A 25 -5.58 -2.52 -6.28
N THR A 26 -5.33 -2.58 -4.98
CA THR A 26 -6.12 -3.43 -4.09
C THR A 26 -7.54 -2.90 -3.99
N GLY A 27 -7.67 -1.68 -3.47
CA GLY A 27 -8.97 -1.06 -3.32
C GLY A 27 -9.27 -0.81 -1.84
N ALA A 28 -8.24 -0.91 -1.02
CA ALA A 28 -8.39 -0.70 0.40
C ALA A 28 -8.27 0.79 0.72
N SER A 29 -8.29 1.10 2.00
CA SER A 29 -8.19 2.48 2.44
C SER A 29 -6.72 2.89 2.55
N GLU A 30 -6.50 4.19 2.71
CA GLU A 30 -5.15 4.71 2.84
C GLU A 30 -4.43 4.04 4.00
N SER A 31 -4.92 4.31 5.21
CA SER A 31 -4.32 3.74 6.40
C SER A 31 -3.93 2.29 6.14
N VAL A 32 -4.83 1.56 5.51
CA VAL A 32 -4.59 0.16 5.20
C VAL A 32 -3.34 0.05 4.33
N GLY A 33 -3.42 0.65 3.15
CA GLY A 33 -2.31 0.63 2.22
C GLY A 33 -1.01 1.04 2.91
N LYS A 34 -1.15 1.90 3.90
CA LYS A 34 0.00 2.39 4.65
C LYS A 34 0.50 1.28 5.58
N HIS A 35 -0.44 0.56 6.16
CA HIS A 35 -0.11 -0.53 7.06
C HIS A 35 0.47 -1.70 6.27
N MET A 36 -0.05 -1.87 5.07
CA MET A 36 0.41 -2.95 4.20
C MET A 36 1.79 -2.63 3.62
N LEU A 37 2.01 -1.35 3.35
CA LEU A 37 3.27 -0.91 2.79
C LEU A 37 4.34 -0.95 3.88
N GLU A 38 4.02 -0.34 5.02
CA GLU A 38 4.93 -0.30 6.14
C GLU A 38 5.22 -1.72 6.64
N ALA A 39 4.33 -2.63 6.29
CA ALA A 39 4.47 -4.01 6.69
C ALA A 39 5.28 -4.77 5.63
N CYS A 40 5.70 -4.03 4.61
CA CYS A 40 6.47 -4.62 3.53
C CYS A 40 7.70 -3.73 3.29
N ASN A 41 7.89 -2.79 4.19
CA ASN A 41 9.01 -1.86 4.09
C ASN A 41 8.76 -0.88 2.96
N ASN A 42 7.49 -0.47 2.84
CA ASN A 42 7.11 0.48 1.81
C ASN A 42 7.29 -0.18 0.43
N ASN A 43 6.68 -1.35 0.28
CA ASN A 43 6.77 -2.07 -0.97
C ASN A 43 5.35 -2.40 -1.46
N LEU A 44 4.87 -1.56 -2.36
CA LEU A 44 3.53 -1.74 -2.91
C LEU A 44 3.42 -3.16 -3.50
N GLU A 45 4.39 -3.50 -4.33
CA GLU A 45 4.41 -4.80 -4.95
C GLU A 45 4.13 -5.89 -3.92
N MET A 46 4.98 -5.95 -2.91
CA MET A 46 4.83 -6.94 -1.86
C MET A 46 3.50 -6.76 -1.12
N ALA A 47 3.26 -5.52 -0.70
CA ALA A 47 2.03 -5.21 0.01
C ALA A 47 0.84 -5.84 -0.73
N VAL A 48 0.73 -5.51 -2.00
CA VAL A 48 -0.35 -6.03 -2.82
C VAL A 48 -0.37 -7.55 -2.73
N THR A 49 0.77 -8.15 -3.07
CA THR A 49 0.90 -9.60 -3.01
C THR A 49 0.53 -10.12 -1.63
N MET A 50 0.88 -9.33 -0.62
CA MET A 50 0.59 -9.69 0.75
C MET A 50 -0.90 -9.58 1.06
N PHE A 51 -1.43 -8.39 0.80
CA PHE A 51 -2.84 -8.13 1.04
C PHE A 51 -3.72 -9.04 0.19
N LEU A 52 -3.46 -9.01 -1.11
CA LEU A 52 -4.22 -9.82 -2.05
C LEU A 52 -4.33 -11.25 -1.50
N ASP A 53 -3.17 -11.85 -1.26
CA ASP A 53 -3.13 -13.20 -0.73
C ASP A 53 -3.96 -13.27 0.55
N GLY A 54 -3.67 -12.35 1.45
CA GLY A 54 -4.39 -12.30 2.72
C GLY A 54 -5.43 -11.18 2.71
N GLY A 55 -6.42 -11.34 1.86
CA GLY A 55 -7.49 -10.36 1.74
C GLY A 55 -8.85 -11.00 2.04
N GLY A 56 -9.20 -11.98 1.22
CA GLY A 56 -10.46 -12.68 1.39
C GLY A 56 -11.55 -12.05 0.49
N SER A 57 -11.55 -12.49 -0.76
CA SER A 57 -12.52 -11.99 -1.71
C SER A 57 -12.55 -12.90 -2.95
N GLY A 58 -13.73 -13.46 -3.21
CA GLY A 58 -13.90 -14.34 -4.34
C GLY A 58 -15.33 -14.26 -4.88
N PRO A 59 -15.52 -13.42 -5.93
CA PRO A 59 -16.82 -13.25 -6.54
C PRO A 59 -17.19 -14.46 -7.40
N SER A 60 -16.29 -14.77 -8.33
CA SER A 60 -16.51 -15.90 -9.23
C SER A 60 -15.18 -16.60 -9.51
N SER A 61 -14.93 -17.65 -8.72
CA SER A 61 -13.71 -18.42 -8.87
C SER A 61 -13.94 -19.60 -9.81
N GLY A 62 -13.06 -19.72 -10.79
CA GLY A 62 -13.16 -20.79 -11.76
C GLY A 62 -14.26 -20.52 -12.78
N GLY A 1 9.52 20.02 -15.32
CA GLY A 1 8.48 19.30 -14.61
C GLY A 1 9.08 18.37 -13.55
N SER A 2 8.20 17.70 -12.82
CA SER A 2 8.63 16.78 -11.79
C SER A 2 9.65 17.47 -10.88
N SER A 3 9.14 18.03 -9.79
CA SER A 3 10.00 18.71 -8.84
C SER A 3 9.91 18.02 -7.47
N GLY A 4 10.77 17.04 -7.29
CA GLY A 4 10.80 16.28 -6.04
C GLY A 4 11.96 15.29 -6.02
N SER A 5 11.94 14.39 -7.00
CA SER A 5 12.98 13.38 -7.10
C SER A 5 13.19 12.69 -5.75
N SER A 6 12.35 11.71 -5.49
CA SER A 6 12.42 10.97 -4.23
C SER A 6 12.10 11.90 -3.06
N GLY A 7 11.35 11.36 -2.10
CA GLY A 7 10.98 12.12 -0.94
C GLY A 7 12.18 12.39 -0.04
N GLY A 8 12.26 13.61 0.45
CA GLY A 8 13.37 14.01 1.31
C GLY A 8 12.85 14.73 2.56
N SER A 9 13.50 14.44 3.68
CA SER A 9 13.12 15.04 4.95
C SER A 9 11.68 14.65 5.30
N ALA A 10 11.55 13.89 6.37
CA ALA A 10 10.25 13.44 6.82
C ALA A 10 9.52 12.76 5.66
N ALA A 11 9.70 11.45 5.57
CA ALA A 11 9.06 10.67 4.52
C ALA A 11 7.55 10.64 4.76
N SER A 12 6.81 11.10 3.76
CA SER A 12 5.37 11.13 3.85
C SER A 12 4.76 11.11 2.44
N SER A 13 5.10 12.12 1.67
CA SER A 13 4.60 12.24 0.31
C SER A 13 4.83 10.92 -0.45
N ALA A 14 6.11 10.56 -0.57
CA ALA A 14 6.48 9.34 -1.27
C ALA A 14 5.56 8.21 -0.81
N LEU A 15 5.52 8.00 0.50
CA LEU A 15 4.70 6.95 1.07
C LEU A 15 3.28 7.09 0.54
N LYS A 16 2.67 8.22 0.87
CA LYS A 16 1.30 8.49 0.44
C LYS A 16 1.13 8.04 -1.01
N GLY A 17 2.20 8.20 -1.78
CA GLY A 17 2.19 7.82 -3.18
C GLY A 17 1.83 6.34 -3.34
N LEU A 18 2.82 5.49 -3.09
CA LEU A 18 2.62 4.06 -3.19
C LEU A 18 1.26 3.69 -2.62
N ILE A 19 0.94 4.29 -1.49
CA ILE A 19 -0.33 4.03 -0.84
C ILE A 19 -1.46 4.16 -1.86
N GLN A 20 -1.42 5.24 -2.62
CA GLN A 20 -2.42 5.48 -3.63
C GLN A 20 -2.46 4.33 -4.64
N GLN A 21 -1.27 3.83 -4.96
CA GLN A 21 -1.14 2.73 -5.89
C GLN A 21 -1.81 1.46 -5.33
N PHE A 22 -1.70 1.31 -4.03
CA PHE A 22 -2.28 0.17 -3.35
C PHE A 22 -3.79 0.35 -3.17
N THR A 23 -4.16 1.49 -2.61
CA THR A 23 -5.56 1.80 -2.39
C THR A 23 -6.34 1.73 -3.70
N THR A 24 -5.62 1.94 -4.79
CA THR A 24 -6.23 1.92 -6.11
C THR A 24 -6.16 0.51 -6.71
N ILE A 25 -4.98 -0.10 -6.58
CA ILE A 25 -4.76 -1.43 -7.10
C ILE A 25 -5.63 -2.42 -6.32
N THR A 26 -5.40 -2.47 -5.02
CA THR A 26 -6.15 -3.37 -4.15
C THR A 26 -7.58 -2.86 -3.97
N GLY A 27 -7.67 -1.60 -3.56
CA GLY A 27 -8.97 -0.98 -3.34
C GLY A 27 -9.19 -0.66 -1.86
N ALA A 28 -8.14 -0.90 -1.08
CA ALA A 28 -8.20 -0.65 0.35
C ALA A 28 -8.15 0.86 0.59
N SER A 29 -7.98 1.22 1.85
CA SER A 29 -7.90 2.63 2.23
C SER A 29 -6.44 3.02 2.50
N GLU A 30 -6.22 4.32 2.51
CA GLU A 30 -4.88 4.85 2.75
C GLU A 30 -4.26 4.16 3.97
N SER A 31 -4.90 4.36 5.11
CA SER A 31 -4.41 3.77 6.35
C SER A 31 -3.96 2.33 6.10
N VAL A 32 -4.85 1.57 5.48
CA VAL A 32 -4.57 0.17 5.17
C VAL A 32 -3.37 0.10 4.23
N GLY A 33 -3.49 0.79 3.11
CA GLY A 33 -2.43 0.80 2.12
C GLY A 33 -1.11 1.24 2.75
N LYS A 34 -1.22 1.91 3.88
CA LYS A 34 -0.04 2.39 4.59
C LYS A 34 0.48 1.28 5.50
N HIS A 35 -0.44 0.60 6.15
CA HIS A 35 -0.08 -0.48 7.05
C HIS A 35 0.50 -1.65 6.25
N MET A 36 -0.06 -1.84 5.06
CA MET A 36 0.39 -2.91 4.19
C MET A 36 1.76 -2.59 3.60
N LEU A 37 1.96 -1.32 3.30
CA LEU A 37 3.22 -0.87 2.72
C LEU A 37 4.30 -0.89 3.80
N GLU A 38 3.99 -0.25 4.92
CA GLU A 38 4.92 -0.18 6.03
C GLU A 38 5.20 -1.58 6.57
N ALA A 39 4.29 -2.50 6.26
CA ALA A 39 4.43 -3.87 6.70
C ALA A 39 5.23 -4.66 5.66
N CYS A 40 5.68 -3.95 4.63
CA CYS A 40 6.45 -4.56 3.57
C CYS A 40 7.59 -3.61 3.19
N ASN A 41 8.02 -2.83 4.17
CA ASN A 41 9.09 -1.88 3.94
C ASN A 41 8.71 -0.94 2.80
N ASN A 42 7.50 -0.41 2.88
CA ASN A 42 7.01 0.50 1.87
C ASN A 42 7.20 -0.13 0.49
N ASN A 43 6.59 -1.30 0.32
CA ASN A 43 6.68 -2.02 -0.94
C ASN A 43 5.28 -2.38 -1.42
N LEU A 44 4.85 -1.68 -2.47
CA LEU A 44 3.53 -1.91 -3.03
C LEU A 44 3.44 -3.35 -3.53
N GLU A 45 4.34 -3.70 -4.44
CA GLU A 45 4.38 -5.03 -4.99
C GLU A 45 4.15 -6.07 -3.88
N MET A 46 4.98 -6.00 -2.87
CA MET A 46 4.89 -6.93 -1.74
C MET A 46 3.55 -6.76 -1.02
N ALA A 47 3.30 -5.55 -0.57
CA ALA A 47 2.06 -5.24 0.14
C ALA A 47 0.87 -5.82 -0.64
N VAL A 48 0.81 -5.46 -1.91
CA VAL A 48 -0.25 -5.94 -2.77
C VAL A 48 -0.32 -7.47 -2.71
N THR A 49 0.81 -8.09 -3.03
CA THR A 49 0.89 -9.54 -3.01
C THR A 49 0.49 -10.08 -1.63
N MET A 50 0.93 -9.36 -0.60
CA MET A 50 0.62 -9.76 0.76
C MET A 50 -0.88 -9.63 1.05
N PHE A 51 -1.40 -8.44 0.79
CA PHE A 51 -2.81 -8.16 1.01
C PHE A 51 -3.68 -9.03 0.10
N LEU A 52 -3.28 -9.09 -1.16
CA LEU A 52 -4.02 -9.88 -2.14
C LEU A 52 -4.06 -11.34 -1.68
N ASP A 53 -2.91 -11.83 -1.23
CA ASP A 53 -2.81 -13.20 -0.76
C ASP A 53 -3.12 -13.25 0.74
N GLY A 54 -4.31 -12.76 1.07
CA GLY A 54 -4.74 -12.75 2.46
C GLY A 54 -4.21 -11.50 3.19
N GLY A 55 -3.01 -11.65 3.73
CA GLY A 55 -2.39 -10.56 4.45
C GLY A 55 -3.28 -10.08 5.61
N GLY A 56 -3.42 -8.76 5.69
CA GLY A 56 -4.23 -8.16 6.74
C GLY A 56 -5.59 -7.74 6.19
N SER A 57 -6.43 -8.73 5.93
CA SER A 57 -7.76 -8.47 5.41
C SER A 57 -8.75 -9.48 5.99
N GLY A 58 -9.66 -8.97 6.82
CA GLY A 58 -10.66 -9.80 7.44
C GLY A 58 -12.06 -9.21 7.26
N PRO A 59 -12.62 -9.45 6.05
CA PRO A 59 -13.95 -8.96 5.73
C PRO A 59 -15.04 -9.77 6.43
N SER A 60 -15.21 -9.49 7.71
CA SER A 60 -16.20 -10.19 8.50
C SER A 60 -16.81 -9.25 9.55
N SER A 61 -17.77 -8.46 9.09
CA SER A 61 -18.43 -7.51 9.96
C SER A 61 -19.66 -6.92 9.27
N GLY A 62 -19.41 -6.29 8.13
CA GLY A 62 -20.47 -5.68 7.35
C GLY A 62 -20.01 -5.37 5.93
N GLY A 1 -6.99 18.11 17.54
CA GLY A 1 -6.90 16.68 17.31
C GLY A 1 -7.07 16.36 15.82
N SER A 2 -6.01 16.61 15.07
CA SER A 2 -6.03 16.35 13.64
C SER A 2 -4.60 16.16 13.13
N SER A 3 -4.47 15.31 12.13
CA SER A 3 -3.17 15.04 11.53
C SER A 3 -2.11 14.93 12.63
N GLY A 4 -1.98 13.73 13.17
CA GLY A 4 -1.01 13.48 14.22
C GLY A 4 0.32 12.97 13.64
N SER A 5 0.42 11.66 13.57
CA SER A 5 1.62 11.03 13.03
C SER A 5 2.82 11.35 13.93
N SER A 6 3.59 10.31 14.24
CA SER A 6 4.76 10.48 15.08
C SER A 6 5.99 9.93 14.36
N GLY A 7 6.83 10.84 13.90
CA GLY A 7 8.05 10.46 13.20
C GLY A 7 9.03 11.63 13.13
N GLY A 8 9.08 12.24 11.95
CA GLY A 8 9.97 13.37 11.73
C GLY A 8 10.25 13.58 10.25
N SER A 9 9.37 14.35 9.62
CA SER A 9 9.50 14.63 8.19
C SER A 9 8.41 15.60 7.75
N ALA A 10 7.17 15.17 7.93
CA ALA A 10 6.02 15.99 7.55
C ALA A 10 6.02 16.18 6.04
N ALA A 11 5.70 15.10 5.33
CA ALA A 11 5.65 15.13 3.89
C ALA A 11 5.06 13.82 3.37
N SER A 12 5.79 12.75 3.60
CA SER A 12 5.35 11.43 3.16
C SER A 12 4.80 11.51 1.74
N SER A 13 5.67 11.91 0.82
CA SER A 13 5.28 12.03 -0.58
C SER A 13 5.48 10.70 -1.29
N ALA A 14 6.55 10.01 -0.91
CA ALA A 14 6.87 8.72 -1.50
C ALA A 14 5.86 7.68 -1.03
N LEU A 15 5.74 7.57 0.29
CA LEU A 15 4.82 6.62 0.89
C LEU A 15 3.44 6.81 0.26
N LYS A 16 2.87 7.98 0.51
CA LYS A 16 1.55 8.31 -0.02
C LYS A 16 1.46 7.82 -1.47
N GLY A 17 2.30 8.38 -2.31
CA GLY A 17 2.33 8.02 -3.71
C GLY A 17 2.08 6.52 -3.90
N LEU A 18 2.89 5.73 -3.20
CA LEU A 18 2.77 4.28 -3.27
C LEU A 18 1.39 3.87 -2.75
N ILE A 19 1.09 4.34 -1.55
CA ILE A 19 -0.18 4.02 -0.93
C ILE A 19 -1.29 4.09 -1.98
N GLN A 20 -1.37 5.24 -2.63
CA GLN A 20 -2.37 5.44 -3.67
C GLN A 20 -2.45 4.23 -4.59
N GLN A 21 -1.28 3.82 -5.06
CA GLN A 21 -1.21 2.67 -5.96
C GLN A 21 -1.94 1.48 -5.36
N PHE A 22 -1.67 1.23 -4.08
CA PHE A 22 -2.30 0.13 -3.38
C PHE A 22 -3.81 0.33 -3.28
N THR A 23 -4.20 1.39 -2.59
CA THR A 23 -5.61 1.70 -2.43
C THR A 23 -6.32 1.72 -3.78
N THR A 24 -5.53 1.95 -4.83
CA THR A 24 -6.07 1.99 -6.17
C THR A 24 -6.06 0.60 -6.80
N ILE A 25 -5.00 -0.14 -6.51
CA ILE A 25 -4.85 -1.48 -7.04
C ILE A 25 -5.76 -2.43 -6.25
N THR A 26 -5.53 -2.48 -4.95
CA THR A 26 -6.33 -3.33 -4.08
C THR A 26 -7.74 -2.78 -3.93
N GLY A 27 -7.82 -1.56 -3.40
CA GLY A 27 -9.10 -0.91 -3.20
C GLY A 27 -9.33 -0.60 -1.72
N ALA A 28 -8.27 -0.81 -0.94
CA ALA A 28 -8.36 -0.56 0.50
C ALA A 28 -8.17 0.93 0.77
N SER A 29 -8.26 1.29 2.04
CA SER A 29 -8.11 2.67 2.44
C SER A 29 -6.62 2.99 2.63
N GLU A 30 -6.33 4.29 2.65
CA GLU A 30 -4.96 4.74 2.82
C GLU A 30 -4.32 4.04 4.02
N SER A 31 -4.89 4.30 5.19
CA SER A 31 -4.39 3.71 6.42
C SER A 31 -3.97 2.26 6.17
N VAL A 32 -4.91 1.49 5.63
CA VAL A 32 -4.66 0.09 5.33
C VAL A 32 -3.44 -0.02 4.43
N GLY A 33 -3.54 0.61 3.26
CA GLY A 33 -2.45 0.60 2.31
C GLY A 33 -1.13 1.01 2.95
N LYS A 34 -1.25 1.83 3.99
CA LYS A 34 -0.07 2.31 4.70
C LYS A 34 0.45 1.18 5.59
N HIS A 35 -0.47 0.50 6.24
CA HIS A 35 -0.11 -0.59 7.13
C HIS A 35 0.49 -1.74 6.31
N MET A 36 -0.04 -1.91 5.12
CA MET A 36 0.43 -2.96 4.23
C MET A 36 1.80 -2.61 3.64
N LEU A 37 1.96 -1.33 3.33
CA LEU A 37 3.22 -0.85 2.76
C LEU A 37 4.31 -0.87 3.85
N GLU A 38 3.97 -0.29 4.99
CA GLU A 38 4.90 -0.23 6.10
C GLU A 38 5.24 -1.65 6.58
N ALA A 39 4.39 -2.59 6.19
CA ALA A 39 4.59 -3.98 6.57
C ALA A 39 5.39 -4.69 5.48
N CYS A 40 5.67 -3.95 4.41
CA CYS A 40 6.42 -4.50 3.31
C CYS A 40 7.66 -3.61 3.09
N ASN A 41 7.79 -2.61 3.94
CA ASN A 41 8.92 -1.70 3.85
C ASN A 41 8.63 -0.66 2.76
N ASN A 42 7.37 -0.25 2.69
CA ASN A 42 6.96 0.73 1.70
C ASN A 42 7.05 0.12 0.30
N ASN A 43 6.76 -1.17 0.23
CA ASN A 43 6.80 -1.88 -1.03
C ASN A 43 5.38 -2.25 -1.46
N LEU A 44 4.89 -1.53 -2.46
CA LEU A 44 3.55 -1.77 -2.97
C LEU A 44 3.45 -3.21 -3.47
N GLU A 45 4.42 -3.59 -4.28
CA GLU A 45 4.45 -4.94 -4.82
C GLU A 45 4.14 -5.97 -3.74
N MET A 46 5.00 -5.99 -2.73
CA MET A 46 4.82 -6.92 -1.62
C MET A 46 3.48 -6.68 -0.92
N ALA A 47 3.17 -5.41 -0.70
CA ALA A 47 1.94 -5.05 -0.03
C ALA A 47 0.76 -5.69 -0.76
N VAL A 48 0.72 -5.48 -2.07
CA VAL A 48 -0.34 -6.04 -2.89
C VAL A 48 -0.34 -7.56 -2.74
N THR A 49 0.78 -8.16 -3.12
CA THR A 49 0.93 -9.61 -3.04
C THR A 49 0.56 -10.10 -1.64
N MET A 50 0.96 -9.31 -0.65
CA MET A 50 0.68 -9.66 0.74
C MET A 50 -0.81 -9.56 1.04
N PHE A 51 -1.36 -8.39 0.78
CA PHE A 51 -2.78 -8.15 1.02
C PHE A 51 -3.64 -9.06 0.15
N LEU A 52 -3.40 -8.99 -1.15
CA LEU A 52 -4.14 -9.81 -2.10
C LEU A 52 -4.29 -11.23 -1.54
N ASP A 53 -3.15 -11.84 -1.23
CA ASP A 53 -3.15 -13.18 -0.69
C ASP A 53 -4.15 -13.27 0.46
N GLY A 54 -4.01 -12.34 1.40
CA GLY A 54 -4.88 -12.30 2.56
C GLY A 54 -6.06 -11.36 2.31
N GLY A 55 -6.90 -11.74 1.35
CA GLY A 55 -8.07 -10.95 1.00
C GLY A 55 -9.35 -11.70 1.36
N GLY A 56 -10.40 -11.41 0.59
CA GLY A 56 -11.69 -12.04 0.81
C GLY A 56 -12.49 -12.11 -0.49
N SER A 57 -12.99 -10.95 -0.91
CA SER A 57 -13.77 -10.86 -2.13
C SER A 57 -12.87 -11.09 -3.34
N GLY A 58 -13.48 -11.65 -4.38
CA GLY A 58 -12.75 -11.92 -5.61
C GLY A 58 -12.50 -13.42 -5.77
N PRO A 59 -13.39 -14.06 -6.57
CA PRO A 59 -13.27 -15.50 -6.81
C PRO A 59 -12.14 -15.79 -7.79
N SER A 60 -10.92 -15.78 -7.25
CA SER A 60 -9.74 -16.04 -8.06
C SER A 60 -9.22 -17.45 -7.78
N SER A 61 -9.22 -18.27 -8.83
CA SER A 61 -8.75 -19.64 -8.71
C SER A 61 -7.23 -19.66 -8.54
N GLY A 62 -6.80 -19.75 -7.29
CA GLY A 62 -5.38 -19.78 -6.99
C GLY A 62 -4.89 -18.41 -6.52
N GLY A 1 -12.83 18.80 2.00
CA GLY A 1 -12.52 20.04 2.68
C GLY A 1 -11.00 20.23 2.83
N SER A 2 -10.59 21.49 2.88
CA SER A 2 -9.19 21.81 3.01
C SER A 2 -8.58 21.03 4.19
N SER A 3 -7.39 20.49 3.95
CA SER A 3 -6.70 19.72 4.97
C SER A 3 -5.19 19.74 4.69
N GLY A 4 -4.43 19.72 5.78
CA GLY A 4 -2.98 19.74 5.68
C GLY A 4 -2.41 21.10 6.09
N SER A 5 -2.11 21.21 7.38
CA SER A 5 -1.56 22.44 7.90
C SER A 5 -0.57 22.14 9.04
N SER A 6 0.44 23.00 9.14
CA SER A 6 1.45 22.82 10.17
C SER A 6 2.21 21.51 9.96
N GLY A 7 3.18 21.56 9.07
CA GLY A 7 3.98 20.39 8.76
C GLY A 7 5.47 20.70 8.84
N GLY A 8 6.19 19.84 9.54
CA GLY A 8 7.63 20.01 9.69
C GLY A 8 8.30 20.16 8.33
N SER A 9 8.73 19.04 7.78
CA SER A 9 9.39 19.02 6.49
C SER A 9 9.39 17.61 5.91
N ALA A 10 8.54 17.42 4.90
CA ALA A 10 8.43 16.13 4.25
C ALA A 10 7.99 15.09 5.27
N ALA A 11 6.68 14.92 5.37
CA ALA A 11 6.11 13.96 6.30
C ALA A 11 6.17 12.55 5.68
N SER A 12 5.45 12.41 4.58
CA SER A 12 5.41 11.13 3.87
C SER A 12 4.74 11.31 2.51
N SER A 13 5.30 12.20 1.71
CA SER A 13 4.77 12.46 0.38
C SER A 13 5.13 11.33 -0.56
N ALA A 14 6.03 10.47 -0.10
CA ALA A 14 6.47 9.33 -0.89
C ALA A 14 5.61 8.12 -0.55
N LEU A 15 5.41 7.92 0.74
CA LEU A 15 4.61 6.80 1.21
C LEU A 15 3.21 6.88 0.58
N LYS A 16 2.65 8.08 0.61
CA LYS A 16 1.33 8.30 0.05
C LYS A 16 1.30 7.80 -1.40
N GLY A 17 2.22 8.34 -2.19
CA GLY A 17 2.31 7.96 -3.59
C GLY A 17 2.04 6.47 -3.77
N LEU A 18 2.80 5.67 -3.05
CA LEU A 18 2.65 4.23 -3.11
C LEU A 18 1.24 3.83 -2.65
N ILE A 19 0.90 4.31 -1.46
CA ILE A 19 -0.41 4.02 -0.90
C ILE A 19 -1.47 4.10 -1.99
N GLN A 20 -1.48 5.23 -2.68
CA GLN A 20 -2.43 5.44 -3.76
C GLN A 20 -2.49 4.21 -4.67
N GLN A 21 -1.31 3.81 -5.14
CA GLN A 21 -1.22 2.66 -6.01
C GLN A 21 -1.95 1.46 -5.40
N PHE A 22 -1.70 1.25 -4.12
CA PHE A 22 -2.32 0.15 -3.40
C PHE A 22 -3.83 0.35 -3.30
N THR A 23 -4.21 1.42 -2.63
CA THR A 23 -5.63 1.74 -2.45
C THR A 23 -6.34 1.74 -3.80
N THR A 24 -5.56 1.95 -4.84
CA THR A 24 -6.10 1.99 -6.20
C THR A 24 -6.09 0.58 -6.81
N ILE A 25 -5.01 -0.13 -6.55
CA ILE A 25 -4.86 -1.49 -7.06
C ILE A 25 -5.77 -2.44 -6.28
N THR A 26 -5.55 -2.46 -4.97
CA THR A 26 -6.34 -3.31 -4.09
C THR A 26 -7.76 -2.76 -3.96
N GLY A 27 -7.84 -1.54 -3.45
CA GLY A 27 -9.12 -0.90 -3.26
C GLY A 27 -9.39 -0.62 -1.78
N ALA A 28 -8.34 -0.77 -0.99
CA ALA A 28 -8.46 -0.55 0.45
C ALA A 28 -8.32 0.95 0.74
N SER A 29 -8.25 1.27 2.02
CA SER A 29 -8.12 2.65 2.44
C SER A 29 -6.65 3.03 2.56
N GLU A 30 -6.41 4.33 2.64
CA GLU A 30 -5.05 4.83 2.76
C GLU A 30 -4.33 4.16 3.92
N SER A 31 -4.84 4.40 5.12
CA SER A 31 -4.25 3.82 6.31
C SER A 31 -3.87 2.36 6.05
N VAL A 32 -4.82 1.61 5.51
CA VAL A 32 -4.59 0.22 5.21
C VAL A 32 -3.37 0.09 4.30
N GLY A 33 -3.42 0.79 3.18
CA GLY A 33 -2.33 0.76 2.22
C GLY A 33 -1.00 1.12 2.90
N LYS A 34 -1.11 1.84 4.00
CA LYS A 34 0.06 2.24 4.75
C LYS A 34 0.54 1.08 5.62
N HIS A 35 -0.43 0.47 6.30
CA HIS A 35 -0.13 -0.65 7.18
C HIS A 35 0.48 -1.79 6.36
N MET A 36 0.00 -1.92 5.14
CA MET A 36 0.48 -2.97 4.24
C MET A 36 1.87 -2.62 3.71
N LEU A 37 2.06 -1.35 3.38
CA LEU A 37 3.33 -0.89 2.86
C LEU A 37 4.37 -0.94 3.98
N GLU A 38 4.02 -0.34 5.11
CA GLU A 38 4.91 -0.30 6.25
C GLU A 38 5.23 -1.72 6.72
N ALA A 39 4.39 -2.66 6.29
CA ALA A 39 4.57 -4.05 6.66
C ALA A 39 5.25 -4.79 5.52
N CYS A 40 5.74 -4.03 4.56
CA CYS A 40 6.41 -4.60 3.40
C CYS A 40 7.55 -3.66 3.00
N ASN A 41 8.21 -3.11 4.00
CA ASN A 41 9.32 -2.20 3.76
C ASN A 41 8.87 -1.12 2.76
N ASN A 42 7.64 -0.66 2.94
CA ASN A 42 7.09 0.36 2.07
C ASN A 42 7.25 -0.07 0.62
N ASN A 43 6.65 -1.22 0.30
CA ASN A 43 6.71 -1.76 -1.04
C ASN A 43 5.32 -2.22 -1.48
N LEU A 44 4.76 -1.48 -2.43
CA LEU A 44 3.44 -1.80 -2.94
C LEU A 44 3.42 -3.24 -3.43
N GLU A 45 4.37 -3.56 -4.29
CA GLU A 45 4.47 -4.90 -4.83
C GLU A 45 4.17 -5.94 -3.76
N MET A 46 5.04 -5.99 -2.75
CA MET A 46 4.88 -6.93 -1.66
C MET A 46 3.52 -6.73 -0.97
N ALA A 47 3.24 -5.48 -0.64
CA ALA A 47 1.98 -5.15 0.02
C ALA A 47 0.82 -5.81 -0.73
N VAL A 48 0.74 -5.49 -2.01
CA VAL A 48 -0.32 -6.04 -2.85
C VAL A 48 -0.29 -7.58 -2.75
N THR A 49 0.85 -8.13 -3.11
CA THR A 49 1.02 -9.58 -3.08
C THR A 49 0.64 -10.12 -1.70
N MET A 50 0.92 -9.32 -0.68
CA MET A 50 0.61 -9.70 0.69
C MET A 50 -0.89 -9.58 0.96
N PHE A 51 -1.40 -8.38 0.75
CA PHE A 51 -2.82 -8.12 0.98
C PHE A 51 -3.69 -9.04 0.12
N LEU A 52 -3.40 -9.04 -1.17
CA LEU A 52 -4.14 -9.87 -2.11
C LEU A 52 -4.26 -11.28 -1.55
N ASP A 53 -3.10 -11.85 -1.22
CA ASP A 53 -3.06 -13.20 -0.68
C ASP A 53 -4.07 -13.31 0.47
N GLY A 54 -3.98 -12.37 1.40
CA GLY A 54 -4.87 -12.36 2.54
C GLY A 54 -6.33 -12.48 2.09
N GLY A 55 -6.76 -11.50 1.33
CA GLY A 55 -8.13 -11.48 0.83
C GLY A 55 -8.18 -11.73 -0.67
N GLY A 56 -8.61 -10.72 -1.40
CA GLY A 56 -8.70 -10.81 -2.85
C GLY A 56 -10.02 -10.21 -3.35
N SER A 57 -10.87 -11.07 -3.86
CA SER A 57 -12.16 -10.63 -4.39
C SER A 57 -11.95 -9.61 -5.51
N GLY A 58 -12.32 -10.03 -6.71
CA GLY A 58 -12.18 -9.18 -7.89
C GLY A 58 -10.96 -9.57 -8.71
N PRO A 59 -11.20 -10.45 -9.71
CA PRO A 59 -10.14 -10.92 -10.58
C PRO A 59 -9.73 -9.83 -11.58
N SER A 60 -8.54 -9.28 -11.37
CA SER A 60 -8.03 -8.24 -12.23
C SER A 60 -7.49 -8.86 -13.53
N SER A 61 -8.22 -8.62 -14.61
CA SER A 61 -7.84 -9.15 -15.91
C SER A 61 -7.75 -8.01 -16.93
N GLY A 62 -6.61 -7.33 -16.92
CA GLY A 62 -6.39 -6.22 -17.83
C GLY A 62 -6.84 -6.58 -19.25
N GLY A 1 -10.91 15.68 -2.01
CA GLY A 1 -9.84 16.28 -1.23
C GLY A 1 -8.50 15.60 -1.52
N SER A 2 -7.45 16.41 -1.53
CA SER A 2 -6.12 15.91 -1.79
C SER A 2 -5.17 16.31 -0.66
N SER A 3 -4.23 15.42 -0.37
CA SER A 3 -3.26 15.68 0.69
C SER A 3 -1.84 15.41 0.16
N GLY A 4 -0.89 16.08 0.78
CA GLY A 4 0.50 15.94 0.39
C GLY A 4 1.41 16.84 1.25
N SER A 5 1.57 16.43 2.50
CA SER A 5 2.41 17.19 3.42
C SER A 5 3.86 16.71 3.33
N SER A 6 4.68 17.53 2.69
CA SER A 6 6.09 17.21 2.52
C SER A 6 6.96 18.38 3.01
N GLY A 7 7.79 18.08 3.99
CA GLY A 7 8.67 19.08 4.55
C GLY A 7 8.96 18.81 6.03
N GLY A 8 9.68 17.73 6.27
CA GLY A 8 10.01 17.34 7.63
C GLY A 8 10.55 15.91 7.68
N SER A 9 9.66 14.98 7.99
CA SER A 9 10.04 13.58 8.06
C SER A 9 10.41 13.06 6.67
N ALA A 10 11.67 12.67 6.54
CA ALA A 10 12.15 12.15 5.27
C ALA A 10 11.30 10.94 4.86
N ALA A 11 11.33 10.66 3.56
CA ALA A 11 10.57 9.55 3.03
C ALA A 11 9.17 9.56 3.64
N SER A 12 8.33 10.43 3.11
CA SER A 12 6.97 10.55 3.58
C SER A 12 6.00 10.61 2.40
N SER A 13 6.05 11.74 1.70
CA SER A 13 5.19 11.92 0.54
C SER A 13 5.23 10.70 -0.36
N ALA A 14 6.33 9.96 -0.25
CA ALA A 14 6.51 8.76 -1.04
C ALA A 14 5.61 7.66 -0.51
N LEU A 15 5.54 7.58 0.81
CA LEU A 15 4.71 6.56 1.46
C LEU A 15 3.28 6.69 0.93
N LYS A 16 2.97 7.85 0.38
CA LYS A 16 1.65 8.09 -0.16
C LYS A 16 1.60 7.63 -1.62
N GLY A 17 2.48 8.19 -2.42
CA GLY A 17 2.55 7.85 -3.82
C GLY A 17 2.29 6.36 -4.03
N LEU A 18 2.71 5.57 -3.06
CA LEU A 18 2.53 4.13 -3.12
C LEU A 18 1.15 3.77 -2.57
N ILE A 19 0.87 4.25 -1.38
CA ILE A 19 -0.41 3.99 -0.74
C ILE A 19 -1.52 4.09 -1.78
N GLN A 20 -1.53 5.21 -2.49
CA GLN A 20 -2.53 5.44 -3.52
C GLN A 20 -2.59 4.25 -4.48
N GLN A 21 -1.42 3.90 -5.01
CA GLN A 21 -1.32 2.79 -5.94
C GLN A 21 -1.97 1.54 -5.36
N PHE A 22 -1.74 1.34 -4.06
CA PHE A 22 -2.30 0.20 -3.37
C PHE A 22 -3.82 0.34 -3.19
N THR A 23 -4.22 1.47 -2.64
CA THR A 23 -5.62 1.75 -2.42
C THR A 23 -6.38 1.73 -3.74
N THR A 24 -5.64 1.91 -4.82
CA THR A 24 -6.23 1.91 -6.15
C THR A 24 -6.19 0.51 -6.76
N ILE A 25 -5.04 -0.13 -6.61
CA ILE A 25 -4.85 -1.48 -7.12
C ILE A 25 -5.71 -2.45 -6.33
N THR A 26 -5.45 -2.51 -5.03
CA THR A 26 -6.19 -3.40 -4.16
C THR A 26 -7.62 -2.88 -3.96
N GLY A 27 -7.71 -1.64 -3.52
CA GLY A 27 -9.00 -1.02 -3.29
C GLY A 27 -9.23 -0.75 -1.80
N ALA A 28 -8.15 -0.87 -1.04
CA ALA A 28 -8.21 -0.65 0.40
C ALA A 28 -8.13 0.86 0.68
N SER A 29 -8.14 1.18 1.96
CA SER A 29 -8.06 2.57 2.37
C SER A 29 -6.60 2.99 2.55
N GLU A 30 -6.38 4.29 2.63
CA GLU A 30 -5.05 4.83 2.80
C GLU A 30 -4.34 4.12 3.96
N SER A 31 -4.84 4.37 5.15
CA SER A 31 -4.26 3.77 6.34
C SER A 31 -3.86 2.33 6.07
N VAL A 32 -4.78 1.60 5.43
CA VAL A 32 -4.54 0.21 5.10
C VAL A 32 -3.31 0.12 4.19
N GLY A 33 -3.41 0.81 3.06
CA GLY A 33 -2.32 0.81 2.09
C GLY A 33 -1.00 1.19 2.76
N LYS A 34 -1.11 1.88 3.88
CA LYS A 34 0.06 2.30 4.63
C LYS A 34 0.51 1.17 5.55
N HIS A 35 -0.46 0.57 6.21
CA HIS A 35 -0.18 -0.52 7.12
C HIS A 35 0.43 -1.70 6.35
N MET A 36 -0.03 -1.86 5.12
CA MET A 36 0.44 -2.93 4.27
C MET A 36 1.83 -2.61 3.71
N LEU A 37 2.04 -1.33 3.44
CA LEU A 37 3.32 -0.88 2.91
C LEU A 37 4.36 -0.86 4.04
N GLU A 38 3.89 -0.52 5.22
CA GLU A 38 4.76 -0.45 6.39
C GLU A 38 5.17 -1.85 6.81
N ALA A 39 4.44 -2.84 6.30
CA ALA A 39 4.72 -4.23 6.62
C ALA A 39 5.46 -4.88 5.46
N CYS A 40 5.87 -4.04 4.51
CA CYS A 40 6.58 -4.52 3.34
C CYS A 40 7.68 -3.51 3.00
N ASN A 41 8.16 -2.83 4.03
CA ASN A 41 9.20 -1.84 3.85
C ASN A 41 8.84 -0.92 2.69
N ASN A 42 7.63 -0.37 2.76
CA ASN A 42 7.16 0.53 1.72
C ASN A 42 7.35 -0.14 0.35
N ASN A 43 6.71 -1.30 0.20
CA ASN A 43 6.80 -2.03 -1.04
C ASN A 43 5.39 -2.39 -1.53
N LEU A 44 4.88 -1.56 -2.43
CA LEU A 44 3.56 -1.78 -2.97
C LEU A 44 3.45 -3.20 -3.50
N GLU A 45 4.44 -3.58 -4.30
CA GLU A 45 4.47 -4.91 -4.89
C GLU A 45 4.16 -5.96 -3.82
N MET A 46 5.01 -5.99 -2.80
CA MET A 46 4.85 -6.94 -1.72
C MET A 46 3.52 -6.71 -0.99
N ALA A 47 3.25 -5.44 -0.69
CA ALA A 47 2.02 -5.09 0.00
C ALA A 47 0.83 -5.69 -0.73
N VAL A 48 0.84 -5.53 -2.05
CA VAL A 48 -0.24 -6.06 -2.87
C VAL A 48 -0.26 -7.58 -2.76
N THR A 49 0.87 -8.18 -3.11
CA THR A 49 1.00 -9.63 -3.05
C THR A 49 0.63 -10.14 -1.65
N MET A 50 0.92 -9.31 -0.66
CA MET A 50 0.63 -9.67 0.72
C MET A 50 -0.86 -9.55 1.01
N PHE A 51 -1.39 -8.36 0.76
CA PHE A 51 -2.80 -8.10 0.99
C PHE A 51 -3.67 -8.99 0.10
N LEU A 52 -3.31 -9.03 -1.17
CA LEU A 52 -4.05 -9.84 -2.13
C LEU A 52 -4.18 -11.26 -1.60
N ASP A 53 -3.04 -11.81 -1.19
CA ASP A 53 -3.01 -13.16 -0.67
C ASP A 53 -3.28 -13.13 0.84
N GLY A 54 -4.40 -12.51 1.19
CA GLY A 54 -4.79 -12.40 2.58
C GLY A 54 -4.29 -11.08 3.19
N GLY A 55 -3.03 -11.09 3.57
CA GLY A 55 -2.41 -9.91 4.17
C GLY A 55 -1.62 -10.28 5.42
N GLY A 56 -2.03 -9.71 6.54
CA GLY A 56 -1.36 -9.97 7.80
C GLY A 56 -2.33 -9.77 8.98
N SER A 57 -3.37 -10.59 8.98
CA SER A 57 -4.38 -10.52 10.04
C SER A 57 -4.92 -11.91 10.33
N GLY A 58 -5.71 -11.99 11.39
CA GLY A 58 -6.30 -13.26 11.79
C GLY A 58 -5.22 -14.31 12.05
N PRO A 59 -5.66 -15.60 12.05
CA PRO A 59 -4.74 -16.71 12.28
C PRO A 59 -3.89 -16.96 11.04
N SER A 60 -4.54 -16.95 9.89
CA SER A 60 -3.85 -17.19 8.63
C SER A 60 -3.18 -18.56 8.65
N SER A 61 -2.88 -19.05 7.45
CA SER A 61 -2.24 -20.35 7.32
C SER A 61 -0.84 -20.31 7.95
N GLY A 62 -0.40 -21.49 8.40
CA GLY A 62 0.90 -21.60 9.02
C GLY A 62 0.78 -22.02 10.49
#